data_5THY
#
_entry.id   5THY
#
_cell.length_a   48.350
_cell.length_b   130.390
_cell.length_c   62.830
_cell.angle_alpha   90.000
_cell.angle_beta   111.980
_cell.angle_gamma   90.000
#
_symmetry.space_group_name_H-M   'P 1 21 1'
#
loop_
_entity.id
_entity.type
_entity.pdbx_description
1 polymer CurJ
2 non-polymer S-ADENOSYL-L-HOMOCYSTEINE
3 non-polymer 'OXIDIZED GLUTATHIONE DISULFIDE'
4 water water
#
_entity_poly.entity_id   1
_entity_poly.type   'polypeptide(L)'
_entity_poly.pdbx_seq_one_letter_code
;(MSE)HHHHHHSSGVDLGTENLYFQSNALPPDFLLDPVEVSQQLAPSLTELVTLLDNARTSEIGTQLEELSVDYIVQGLL
Q(MSE)GWSYQPTESFDLDAAAQCLGVVPTQVRLFERLLQILAEVGILQSNQQQWQVQKTAQKVNPSKQSQSLLSQYPDE
AATLTLLERCASQLSGVLRGEIDPVQLVFPQGDLTTATQLYKDSAVAKV(MSE)NTIVEKVI(MSE)KA(MSE)EKLPPS
RGIRLLEIGAGTGGTTSYILPHLNPNQTEYIFTDIGALFTSKAQEKFQDYRFLGYQTLDIEVDPSSQGFESHRYDVIIAA
NVLHATTSLKQTLSHVRQLLAPGGILVLYEATTRSRWVDLIFGLLEGWWKFTDYELRPDYPLLNREQWKKVLSETGFTQV
VTLPEVEG(MSE)AEALSQQTVIVAQAAS
;
_entity_poly.pdbx_strand_id   A,B
#
# COMPACT_ATOMS: atom_id res chain seq x y z
N TYR A 19 -3.26 -15.16 -45.90
CA TYR A 19 -4.09 -14.35 -45.01
C TYR A 19 -3.34 -13.93 -43.75
N PHE A 20 -2.48 -14.81 -43.25
CA PHE A 20 -1.75 -14.53 -42.02
C PHE A 20 -0.70 -13.46 -42.24
N GLN A 21 -0.65 -12.50 -41.32
CA GLN A 21 0.41 -11.49 -41.27
C GLN A 21 1.01 -11.50 -39.87
N SER A 22 2.28 -11.10 -39.78
CA SER A 22 3.06 -11.32 -38.57
C SER A 22 2.41 -10.68 -37.35
N ASN A 23 2.21 -11.49 -36.31
CA ASN A 23 1.67 -10.98 -35.05
C ASN A 23 2.65 -10.07 -34.31
N ALA A 24 3.92 -10.02 -34.74
CA ALA A 24 4.88 -9.13 -34.11
C ALA A 24 4.65 -7.67 -34.49
N LEU A 25 3.90 -7.41 -35.57
CA LEU A 25 3.64 -6.06 -36.02
C LEU A 25 2.55 -5.42 -35.16
N PRO A 26 2.48 -4.09 -35.13
CA PRO A 26 1.51 -3.40 -34.27
C PRO A 26 0.08 -3.79 -34.63
N PRO A 27 -0.89 -3.66 -33.65
CA PRO A 27 -2.30 -4.05 -33.90
C PRO A 27 -3.06 -3.02 -34.72
N ASP A 28 -2.73 -2.95 -36.01
CA ASP A 28 -3.36 -1.97 -36.89
C ASP A 28 -4.82 -2.31 -37.17
N PHE A 29 -5.23 -3.57 -36.95
CA PHE A 29 -6.62 -3.95 -37.11
C PHE A 29 -7.55 -3.22 -36.15
N LEU A 30 -7.03 -2.71 -35.03
CA LEU A 30 -7.87 -2.01 -34.06
C LEU A 30 -8.56 -0.82 -34.71
N LEU A 31 -9.87 -0.73 -34.52
CA LEU A 31 -10.60 0.42 -35.04
C LEU A 31 -10.16 1.69 -34.30
N ASP A 32 -10.20 2.79 -35.02
CA ASP A 32 -9.97 4.09 -34.42
C ASP A 32 -11.07 4.37 -33.40
N PRO A 33 -10.76 5.02 -32.27
CA PRO A 33 -11.82 5.35 -31.30
C PRO A 33 -12.95 6.18 -31.91
N VAL A 34 -12.63 7.10 -32.81
CA VAL A 34 -13.66 7.92 -33.44
C VAL A 34 -14.56 7.06 -34.30
N GLU A 35 -13.98 6.11 -35.05
CA GLU A 35 -14.80 5.19 -35.82
C GLU A 35 -15.68 4.34 -34.90
N VAL A 36 -15.14 3.93 -33.76
CA VAL A 36 -15.92 3.12 -32.81
C VAL A 36 -17.14 3.90 -32.33
N SER A 37 -16.93 5.15 -31.91
CA SER A 37 -18.05 5.95 -31.41
C SER A 37 -19.08 6.24 -32.50
N GLN A 38 -18.63 6.43 -33.75
CA GLN A 38 -19.57 6.64 -34.84
C GLN A 38 -20.47 5.43 -35.04
N GLN A 39 -19.89 4.21 -34.99
CA GLN A 39 -20.69 3.01 -35.23
C GLN A 39 -21.55 2.63 -34.04
N LEU A 40 -21.13 3.01 -32.83
CA LEU A 40 -21.93 2.76 -31.63
C LEU A 40 -23.01 3.80 -31.41
N ALA A 41 -23.08 4.82 -32.26
CA ALA A 41 -24.03 5.92 -32.06
C ALA A 41 -25.47 5.47 -31.90
N PRO A 42 -26.04 4.59 -32.74
CA PRO A 42 -27.41 4.15 -32.49
C PRO A 42 -27.56 3.34 -31.21
N SER A 43 -26.53 2.57 -30.83
CA SER A 43 -26.60 1.85 -29.56
C SER A 43 -26.56 2.81 -28.39
N LEU A 44 -25.68 3.81 -28.44
CA LEU A 44 -25.54 4.75 -27.32
C LEU A 44 -26.78 5.61 -27.15
N THR A 45 -27.42 5.97 -28.27
CA THR A 45 -28.62 6.80 -28.17
C THR A 45 -29.74 6.07 -27.43
N GLU A 46 -29.91 4.78 -27.68
CA GLU A 46 -30.95 4.02 -27.01
C GLU A 46 -30.54 3.57 -25.62
N LEU A 47 -29.24 3.36 -25.40
CA LEU A 47 -28.77 2.99 -24.07
C LEU A 47 -28.94 4.13 -23.07
N VAL A 48 -28.79 5.38 -23.53
CA VAL A 48 -28.96 6.52 -22.64
C VAL A 48 -30.41 6.67 -22.21
N THR A 49 -31.36 6.33 -23.09
CA THR A 49 -32.77 6.50 -22.75
C THR A 49 -33.23 5.53 -21.67
N LEU A 50 -32.50 4.43 -21.44
CA LEU A 50 -32.85 3.48 -20.40
C LEU A 50 -32.71 4.07 -19.00
N LEU A 51 -32.26 5.31 -18.88
CA LEU A 51 -32.01 5.94 -17.59
C LEU A 51 -33.03 7.04 -17.36
N ASP A 52 -33.75 6.96 -16.24
CA ASP A 52 -34.76 7.96 -15.91
C ASP A 52 -34.09 9.30 -15.65
N ASN A 53 -34.40 10.29 -16.48
CA ASN A 53 -33.76 11.59 -16.37
C ASN A 53 -34.20 12.30 -15.09
N ALA A 54 -35.51 12.45 -14.90
CA ALA A 54 -36.02 13.20 -13.76
C ALA A 54 -35.72 12.52 -12.44
N ARG A 55 -35.71 11.19 -12.42
CA ARG A 55 -35.59 10.48 -11.14
C ARG A 55 -34.15 10.38 -10.67
N THR A 56 -33.21 10.17 -11.60
CA THR A 56 -31.81 10.12 -11.21
C THR A 56 -31.32 11.48 -10.72
N SER A 57 -31.93 12.57 -11.20
CA SER A 57 -31.54 13.91 -10.80
C SER A 57 -32.03 14.23 -9.39
N GLU A 58 -33.28 13.85 -9.07
CA GLU A 58 -33.81 14.16 -7.75
C GLU A 58 -33.19 13.28 -6.68
N ILE A 59 -32.80 12.05 -7.03
CA ILE A 59 -32.04 11.23 -6.10
C ILE A 59 -30.67 11.85 -5.84
N GLY A 60 -29.97 12.22 -6.90
CA GLY A 60 -28.66 12.84 -6.73
C GLY A 60 -28.73 14.13 -5.94
N THR A 61 -29.74 14.96 -6.21
CA THR A 61 -29.89 16.21 -5.46
C THR A 61 -30.08 15.95 -3.98
N GLN A 62 -30.89 14.94 -3.63
CA GLN A 62 -31.16 14.67 -2.23
C GLN A 62 -29.95 14.07 -1.54
N LEU A 63 -29.17 13.24 -2.24
CA LEU A 63 -27.94 12.73 -1.66
C LEU A 63 -26.97 13.87 -1.34
N GLU A 64 -26.91 14.90 -2.18
CA GLU A 64 -26.04 16.03 -1.90
C GLU A 64 -26.51 16.80 -0.67
N GLU A 65 -27.83 16.86 -0.45
CA GLU A 65 -28.34 17.54 0.75
C GLU A 65 -28.12 16.69 2.00
N LEU A 66 -28.30 15.38 1.89
CA LEU A 66 -28.05 14.49 3.00
C LEU A 66 -26.58 14.54 3.42
N SER A 67 -25.67 14.77 2.47
CA SER A 67 -24.26 14.86 2.79
C SER A 67 -23.97 16.03 3.73
N VAL A 68 -24.69 17.13 3.56
CA VAL A 68 -24.53 18.27 4.46
C VAL A 68 -24.88 17.87 5.89
N ASP A 69 -25.95 17.10 6.05
CA ASP A 69 -26.35 16.67 7.39
C ASP A 69 -25.32 15.72 8.02
N TYR A 70 -24.68 14.86 7.21
CA TYR A 70 -23.60 14.03 7.75
C TYR A 70 -22.40 14.86 8.18
N ILE A 71 -22.09 15.93 7.42
CA ILE A 71 -20.94 16.76 7.76
C ILE A 71 -21.19 17.52 9.06
N VAL A 72 -22.36 18.14 9.17
CA VAL A 72 -22.71 18.90 10.37
C VAL A 72 -22.74 17.98 11.59
N GLN A 73 -23.32 16.79 11.45
CA GLN A 73 -23.35 15.84 12.56
C GLN A 73 -21.94 15.48 13.01
N GLY A 74 -21.04 15.23 12.06
CA GLY A 74 -19.68 14.87 12.43
C GLY A 74 -18.92 16.00 13.09
N LEU A 75 -19.07 17.21 12.55
CA LEU A 75 -18.38 18.36 13.13
C LEU A 75 -18.88 18.66 14.54
N LEU A 76 -20.19 18.52 14.78
CA LEU A 76 -20.71 18.71 16.13
C LEU A 76 -20.22 17.62 17.07
N GLN A 77 -20.04 16.39 16.57
CA GLN A 77 -19.48 15.32 17.40
C GLN A 77 -18.05 15.63 17.82
N GLY A 79 -17.12 18.64 18.62
CA GLY A 79 -17.19 19.82 19.46
C GLY A 79 -17.22 21.14 18.71
N TRP A 80 -17.72 21.15 17.48
CA TRP A 80 -17.90 22.41 16.76
C TRP A 80 -18.74 23.38 17.59
N SER A 81 -18.15 24.53 17.91
CA SER A 81 -18.82 25.56 18.70
C SER A 81 -18.70 26.94 18.07
N TYR A 82 -18.29 27.00 16.80
CA TYR A 82 -18.14 28.28 16.12
C TYR A 82 -19.49 28.95 15.96
N GLN A 83 -19.63 30.14 16.55
N GLN A 83 -19.63 30.13 16.55
CA GLN A 83 -20.83 30.95 16.51
CA GLN A 83 -20.85 30.92 16.49
C GLN A 83 -20.82 31.85 15.28
C GLN A 83 -20.82 31.85 15.28
N PRO A 84 -21.99 32.32 14.83
CA PRO A 84 -22.02 33.23 13.68
C PRO A 84 -21.16 34.47 13.90
N THR A 85 -20.61 34.98 12.79
CA THR A 85 -19.68 36.11 12.70
C THR A 85 -18.24 35.67 12.97
N GLU A 86 -18.05 34.65 13.83
CA GLU A 86 -16.70 34.23 14.19
C GLU A 86 -15.95 33.72 12.97
N SER A 87 -14.65 34.03 12.92
CA SER A 87 -13.80 33.62 11.82
C SER A 87 -12.69 32.71 12.32
N PHE A 88 -12.25 31.82 11.44
CA PHE A 88 -11.17 30.89 11.76
C PHE A 88 -10.45 30.52 10.48
N ASP A 89 -9.19 30.11 10.62
CA ASP A 89 -8.44 29.54 9.51
C ASP A 89 -8.48 28.02 9.60
N LEU A 90 -8.07 27.38 8.50
CA LEU A 90 -8.10 25.92 8.43
C LEU A 90 -7.31 25.29 9.56
N ASP A 91 -6.10 25.80 9.83
CA ASP A 91 -5.23 25.20 10.82
C ASP A 91 -5.84 25.26 12.23
N ALA A 92 -6.40 26.41 12.59
CA ALA A 92 -6.94 26.56 13.94
C ALA A 92 -8.16 25.66 14.15
N ALA A 93 -9.03 25.54 13.15
CA ALA A 93 -10.20 24.68 13.29
C ALA A 93 -9.81 23.21 13.38
N ALA A 94 -8.77 22.81 12.64
CA ALA A 94 -8.31 21.42 12.70
C ALA A 94 -7.78 21.08 14.09
N GLN A 95 -6.99 21.97 14.68
CA GLN A 95 -6.47 21.71 16.03
C GLN A 95 -7.60 21.74 17.05
N CYS A 96 -8.55 22.66 16.89
CA CYS A 96 -9.68 22.74 17.80
C CYS A 96 -10.51 21.45 17.75
N LEU A 97 -10.93 21.04 16.55
CA LEU A 97 -11.73 19.83 16.42
C LEU A 97 -10.91 18.56 16.59
N GLY A 98 -9.59 18.65 16.52
CA GLY A 98 -8.77 17.46 16.63
C GLY A 98 -8.64 16.66 15.35
N VAL A 99 -8.65 17.34 14.20
CA VAL A 99 -8.38 16.70 12.92
C VAL A 99 -6.90 16.39 12.83
N VAL A 100 -6.57 15.12 12.57
CA VAL A 100 -5.18 14.69 12.43
C VAL A 100 -4.62 15.22 11.11
N PRO A 101 -3.31 15.47 11.03
CA PRO A 101 -2.75 16.10 9.81
C PRO A 101 -3.10 15.38 8.52
N THR A 102 -3.20 14.04 8.55
CA THR A 102 -3.46 13.29 7.32
C THR A 102 -4.90 13.45 6.82
N GLN A 103 -5.76 14.12 7.58
CA GLN A 103 -7.16 14.31 7.20
C GLN A 103 -7.52 15.77 6.97
N VAL A 104 -6.53 16.67 6.94
CA VAL A 104 -6.84 18.09 6.83
C VAL A 104 -7.37 18.45 5.45
N ARG A 105 -6.84 17.80 4.40
CA ARG A 105 -7.31 18.10 3.05
C ARG A 105 -8.77 17.69 2.87
N LEU A 106 -9.16 16.53 3.41
CA LEU A 106 -10.59 16.20 3.43
C LEU A 106 -11.37 17.20 4.26
N PHE A 107 -10.82 17.61 5.41
CA PHE A 107 -11.50 18.56 6.27
C PHE A 107 -11.72 19.88 5.54
N GLU A 108 -10.72 20.33 4.79
CA GLU A 108 -10.87 21.56 4.01
C GLU A 108 -12.01 21.45 3.01
N ARG A 109 -12.13 20.30 2.34
CA ARG A 109 -13.22 20.10 1.40
C ARG A 109 -14.57 20.14 2.10
N LEU A 110 -14.68 19.54 3.29
CA LEU A 110 -15.92 19.61 4.05
C LEU A 110 -16.30 21.04 4.35
N LEU A 111 -15.30 21.86 4.71
CA LEU A 111 -15.55 23.27 4.95
C LEU A 111 -15.99 23.98 3.67
N GLN A 112 -15.38 23.61 2.54
CA GLN A 112 -15.80 24.16 1.25
C GLN A 112 -17.25 23.80 0.96
N ILE A 113 -17.66 22.57 1.29
CA ILE A 113 -19.05 22.17 1.08
C ILE A 113 -19.98 23.03 1.93
N LEU A 114 -19.59 23.30 3.17
CA LEU A 114 -20.42 24.13 4.04
C LEU A 114 -20.49 25.57 3.53
N ALA A 115 -19.47 26.02 2.81
CA ALA A 115 -19.53 27.33 2.19
C ALA A 115 -20.46 27.34 0.99
N GLU A 116 -20.52 26.22 0.25
CA GLU A 116 -21.39 26.15 -0.92
C GLU A 116 -22.86 26.25 -0.53
N VAL A 117 -23.25 25.70 0.63
CA VAL A 117 -24.64 25.75 1.06
C VAL A 117 -24.96 27.00 1.88
N GLY A 118 -23.99 27.89 2.09
CA GLY A 118 -24.24 29.14 2.77
C GLY A 118 -24.03 29.12 4.28
N ILE A 119 -23.70 27.97 4.85
CA ILE A 119 -23.43 27.92 6.30
C ILE A 119 -22.13 28.67 6.61
N LEU A 120 -21.12 28.53 5.76
CA LEU A 120 -19.86 29.23 5.90
C LEU A 120 -19.64 30.15 4.71
N GLN A 121 -18.66 31.04 4.86
CA GLN A 121 -18.22 31.91 3.78
C GLN A 121 -16.70 31.91 3.75
N SER A 122 -16.14 31.82 2.56
CA SER A 122 -14.69 31.76 2.39
C SER A 122 -14.16 33.16 2.07
N ASN A 123 -13.34 33.70 2.98
CA ASN A 123 -12.75 35.03 2.84
C ASN A 123 -11.24 34.89 2.91
N GLN A 124 -10.56 35.12 1.78
CA GLN A 124 -9.11 34.91 1.66
C GLN A 124 -8.84 33.46 2.06
N GLN A 125 -7.94 33.20 3.00
CA GLN A 125 -7.72 31.87 3.55
C GLN A 125 -8.45 31.66 4.88
N GLN A 126 -9.44 32.50 5.16
CA GLN A 126 -10.23 32.42 6.38
C GLN A 126 -11.63 31.91 6.08
N TRP A 127 -12.29 31.40 7.12
CA TRP A 127 -13.67 30.96 7.04
C TRP A 127 -14.49 31.75 8.06
N GLN A 128 -15.66 32.22 7.65
CA GLN A 128 -16.57 32.93 8.53
C GLN A 128 -17.87 32.16 8.63
N VAL A 129 -18.36 31.99 9.86
CA VAL A 129 -19.63 31.32 10.10
C VAL A 129 -20.77 32.30 9.80
N GLN A 130 -21.58 31.97 8.80
CA GLN A 130 -22.71 32.82 8.42
C GLN A 130 -23.98 32.43 9.16
N LYS A 131 -24.29 31.14 9.22
CA LYS A 131 -25.49 30.63 9.85
C LYS A 131 -25.11 29.55 10.84
N THR A 132 -25.93 29.42 11.88
CA THR A 132 -25.80 28.29 12.79
C THR A 132 -26.47 27.06 12.16
N ALA A 133 -25.70 25.99 12.00
CA ALA A 133 -26.25 24.75 11.46
C ALA A 133 -27.29 24.18 12.42
N GLN A 134 -28.43 23.77 11.87
CA GLN A 134 -29.56 23.32 12.66
C GLN A 134 -29.41 21.84 13.04
N LYS A 135 -30.37 21.35 13.83
CA LYS A 135 -30.37 19.97 14.28
C LYS A 135 -30.56 19.03 13.10
N VAL A 136 -29.67 18.04 12.98
CA VAL A 136 -29.73 17.08 11.88
C VAL A 136 -29.87 15.68 12.45
N ASN A 137 -30.42 14.79 11.65
CA ASN A 137 -30.49 13.36 11.94
C ASN A 137 -30.36 12.61 10.64
N PRO A 138 -29.15 12.53 10.08
CA PRO A 138 -28.99 11.97 8.73
C PRO A 138 -29.38 10.51 8.62
N SER A 139 -29.24 9.74 9.71
CA SER A 139 -29.68 8.36 9.68
C SER A 139 -31.17 8.26 9.42
N LYS A 140 -31.96 9.14 10.05
CA LYS A 140 -33.41 9.13 9.84
C LYS A 140 -33.76 9.55 8.42
N GLN A 141 -33.07 10.57 7.89
CA GLN A 141 -33.34 10.99 6.52
C GLN A 141 -32.82 9.98 5.51
N SER A 142 -31.72 9.29 5.84
CA SER A 142 -31.24 8.22 4.97
C SER A 142 -32.28 7.12 4.85
N GLN A 143 -32.92 6.76 5.98
CA GLN A 143 -33.96 5.74 5.95
C GLN A 143 -35.16 6.19 5.13
N SER A 144 -35.58 7.45 5.27
CA SER A 144 -36.70 7.95 4.47
C SER A 144 -36.39 7.85 2.99
N LEU A 145 -35.17 8.23 2.59
CA LEU A 145 -34.76 8.09 1.20
C LEU A 145 -34.69 6.62 0.78
N LEU A 146 -34.27 5.75 1.69
CA LEU A 146 -34.22 4.32 1.38
C LEU A 146 -35.61 3.78 1.07
N SER A 147 -36.62 4.22 1.81
CA SER A 147 -37.98 3.77 1.54
C SER A 147 -38.48 4.31 0.20
N GLN A 148 -38.13 5.55 -0.13
CA GLN A 148 -38.59 6.14 -1.39
C GLN A 148 -37.83 5.57 -2.59
N TYR A 149 -36.52 5.36 -2.46
CA TYR A 149 -35.68 4.86 -3.54
C TYR A 149 -34.94 3.61 -3.07
N PRO A 150 -35.62 2.47 -2.96
CA PRO A 150 -34.93 1.24 -2.56
C PRO A 150 -33.88 0.78 -3.56
N ASP A 151 -33.99 1.19 -4.82
CA ASP A 151 -32.96 0.85 -5.80
C ASP A 151 -31.64 1.53 -5.51
N GLU A 152 -31.61 2.53 -4.62
CA GLU A 152 -30.38 3.19 -4.20
C GLU A 152 -29.91 2.68 -2.84
N ALA A 153 -30.37 1.51 -2.41
CA ALA A 153 -30.06 1.02 -1.06
C ALA A 153 -28.56 0.83 -0.85
N ALA A 154 -27.84 0.40 -1.91
CA ALA A 154 -26.41 0.22 -1.77
C ALA A 154 -25.70 1.54 -1.52
N THR A 155 -26.10 2.58 -2.25
CA THR A 155 -25.48 3.90 -2.08
C THR A 155 -25.78 4.47 -0.70
N LEU A 156 -27.04 4.40 -0.27
CA LEU A 156 -27.42 4.91 1.04
C LEU A 156 -26.75 4.12 2.16
N THR A 157 -26.69 2.79 2.04
CA THR A 157 -26.11 1.99 3.11
C THR A 157 -24.61 2.24 3.22
N LEU A 158 -23.90 2.32 2.09
CA LEU A 158 -22.48 2.66 2.12
C LEU A 158 -22.25 4.05 2.68
N LEU A 159 -23.08 5.02 2.26
CA LEU A 159 -22.92 6.37 2.77
C LEU A 159 -23.22 6.44 4.26
N GLU A 160 -24.21 5.66 4.73
CA GLU A 160 -24.48 5.62 6.16
C GLU A 160 -23.32 5.02 6.93
N ARG A 161 -22.74 3.91 6.42
CA ARG A 161 -21.64 3.29 7.15
C ARG A 161 -20.39 4.17 7.14
N CYS A 162 -20.14 4.89 6.05
CA CYS A 162 -18.92 5.70 5.98
C CYS A 162 -19.11 7.04 6.69
N ALA A 163 -20.15 7.78 6.30
CA ALA A 163 -20.29 9.16 6.76
C ALA A 163 -20.71 9.26 8.22
N SER A 164 -21.32 8.22 8.79
CA SER A 164 -21.69 8.29 10.20
C SER A 164 -20.49 8.12 11.12
N GLN A 165 -19.34 7.73 10.60
CA GLN A 165 -18.10 7.69 11.37
C GLN A 165 -17.11 8.75 10.87
N LEU A 166 -17.65 9.86 10.35
CA LEU A 166 -16.80 10.90 9.78
C LEU A 166 -15.88 11.50 10.84
N SER A 167 -16.41 11.75 12.04
CA SER A 167 -15.59 12.33 13.11
C SER A 167 -14.46 11.38 13.50
N GLY A 168 -14.75 10.08 13.57
CA GLY A 168 -13.72 9.12 13.88
C GLY A 168 -12.64 9.03 12.81
N VAL A 169 -13.02 9.21 11.55
CA VAL A 169 -12.04 9.20 10.48
C VAL A 169 -11.19 10.46 10.53
N LEU A 170 -11.83 11.62 10.72
CA LEU A 170 -11.11 12.87 10.81
C LEU A 170 -10.10 12.86 11.96
N ARG A 171 -10.43 12.18 13.05
CA ARG A 171 -9.55 12.13 14.21
C ARG A 171 -8.55 10.98 14.14
N GLY A 172 -8.46 10.31 13.00
CA GLY A 172 -7.51 9.23 12.83
C GLY A 172 -7.79 8.01 13.69
N GLU A 173 -8.99 7.92 14.28
CA GLU A 173 -9.34 6.79 15.14
C GLU A 173 -9.86 5.58 14.37
N ILE A 174 -10.27 5.79 13.12
CA ILE A 174 -10.88 4.74 12.31
C ILE A 174 -10.21 4.74 10.95
N ASP A 175 -9.71 3.60 10.54
CA ASP A 175 -9.17 3.45 9.19
C ASP A 175 -10.31 3.43 8.18
N PRO A 176 -10.48 4.46 7.36
CA PRO A 176 -11.65 4.52 6.48
C PRO A 176 -11.71 3.39 5.46
N VAL A 177 -10.60 2.68 5.23
CA VAL A 177 -10.67 1.52 4.35
C VAL A 177 -11.50 0.41 4.99
N GLN A 178 -11.54 0.34 6.32
CA GLN A 178 -12.39 -0.63 7.00
C GLN A 178 -13.87 -0.25 6.97
N LEU A 179 -14.19 0.98 6.55
CA LEU A 179 -15.56 1.41 6.31
C LEU A 179 -15.97 1.26 4.86
N VAL A 180 -15.09 1.62 3.93
CA VAL A 180 -15.41 1.52 2.50
C VAL A 180 -15.23 0.09 2.02
N PHE A 181 -14.09 -0.52 2.34
CA PHE A 181 -13.71 -1.85 1.84
C PHE A 181 -13.38 -2.79 3.00
N PRO A 182 -14.31 -3.03 3.92
CA PRO A 182 -14.05 -4.02 4.97
C PRO A 182 -13.90 -5.41 4.35
N GLN A 183 -13.07 -6.23 5.00
CA GLN A 183 -12.78 -7.56 4.46
C GLN A 183 -14.05 -8.38 4.27
N GLY A 184 -15.04 -8.21 5.15
CA GLY A 184 -16.28 -8.97 5.05
C GLY A 184 -17.31 -8.41 4.12
N ASP A 185 -17.14 -7.18 3.62
CA ASP A 185 -18.12 -6.54 2.74
C ASP A 185 -17.36 -5.71 1.69
N LEU A 186 -16.92 -6.38 0.62
CA LEU A 186 -16.40 -5.69 -0.55
C LEU A 186 -17.46 -5.49 -1.61
N THR A 187 -18.63 -6.10 -1.48
CA THR A 187 -19.63 -6.07 -2.52
C THR A 187 -20.46 -4.79 -2.50
N THR A 188 -20.65 -4.18 -1.33
CA THR A 188 -21.42 -2.95 -1.25
C THR A 188 -20.81 -1.87 -2.13
N ALA A 189 -19.52 -1.57 -1.90
CA ALA A 189 -18.85 -0.58 -2.75
C ALA A 189 -18.75 -1.06 -4.19
N THR A 190 -18.69 -2.37 -4.41
CA THR A 190 -18.69 -2.90 -5.77
C THR A 190 -20.01 -2.59 -6.47
N GLN A 191 -21.13 -2.81 -5.79
CA GLN A 191 -22.44 -2.51 -6.39
C GLN A 191 -22.53 -1.07 -6.85
N LEU A 192 -21.88 -0.15 -6.14
CA LEU A 192 -21.87 1.24 -6.58
C LEU A 192 -21.12 1.41 -7.89
N TYR A 193 -19.95 0.77 -8.02
CA TYR A 193 -19.19 0.82 -9.26
C TYR A 193 -19.77 -0.04 -10.36
N LYS A 194 -20.64 -1.00 -10.02
CA LYS A 194 -21.11 -2.01 -10.95
C LYS A 194 -22.56 -1.83 -11.36
N ASP A 195 -23.48 -1.70 -10.40
CA ASP A 195 -24.91 -1.84 -10.68
C ASP A 195 -25.73 -0.59 -10.35
N SER A 196 -25.09 0.54 -10.05
CA SER A 196 -25.88 1.76 -9.92
C SER A 196 -26.45 2.14 -11.29
N ALA A 197 -27.45 3.02 -11.28
CA ALA A 197 -28.15 3.36 -12.52
C ALA A 197 -27.19 3.91 -13.55
N VAL A 198 -26.32 4.84 -13.15
CA VAL A 198 -25.37 5.42 -14.09
C VAL A 198 -24.29 4.41 -14.46
N ALA A 199 -23.78 3.67 -13.48
CA ALA A 199 -22.71 2.72 -13.74
C ALA A 199 -23.16 1.61 -14.69
N LYS A 200 -24.44 1.26 -14.67
CA LYS A 200 -24.93 0.27 -15.63
C LYS A 200 -24.74 0.75 -17.06
N VAL A 201 -25.00 2.04 -17.30
CA VAL A 201 -24.85 2.60 -18.64
C VAL A 201 -23.38 2.68 -19.02
N ASN A 203 -20.65 1.17 -17.75
CA ASN A 203 -20.03 -0.14 -17.90
C ASN A 203 -20.47 -0.82 -19.18
N THR A 204 -21.71 -0.58 -19.62
CA THR A 204 -22.13 -1.14 -20.90
C THR A 204 -21.41 -0.49 -22.06
N ILE A 205 -21.18 0.83 -21.96
CA ILE A 205 -20.40 1.54 -22.97
C ILE A 205 -18.98 0.98 -23.03
N VAL A 206 -18.37 0.73 -21.86
CA VAL A 206 -17.03 0.17 -21.82
C VAL A 206 -16.98 -1.16 -22.56
N GLU A 207 -18.00 -2.01 -22.35
CA GLU A 207 -18.02 -3.31 -23.02
C GLU A 207 -18.24 -3.16 -24.51
N LYS A 208 -19.17 -2.29 -24.92
CA LYS A 208 -19.46 -2.12 -26.34
C LYS A 208 -18.27 -1.52 -27.07
N VAL A 209 -17.57 -0.57 -26.44
CA VAL A 209 -16.41 0.05 -27.07
C VAL A 209 -15.34 -0.99 -27.34
N ILE A 210 -15.01 -1.80 -26.32
CA ILE A 210 -13.92 -2.77 -26.44
C ILE A 210 -14.23 -3.78 -27.53
N LYS A 212 -16.31 -3.51 -30.04
CA LYS A 212 -16.35 -2.86 -31.34
C LYS A 212 -14.96 -2.56 -31.87
N ALA A 213 -14.05 -2.12 -30.98
CA ALA A 213 -12.71 -1.77 -31.42
C ALA A 213 -11.96 -2.98 -31.97
N GLU A 215 -13.37 -5.69 -33.46
CA GLU A 215 -14.23 -6.50 -34.32
C GLU A 215 -13.49 -7.00 -35.57
N LYS A 216 -12.40 -6.37 -35.97
CA LYS A 216 -11.63 -6.81 -37.12
C LYS A 216 -10.43 -7.66 -36.73
N LEU A 217 -10.42 -8.20 -35.52
CA LEU A 217 -9.34 -9.05 -35.05
C LEU A 217 -9.16 -10.24 -35.98
N PRO A 218 -7.98 -10.41 -36.59
CA PRO A 218 -7.74 -11.58 -37.43
C PRO A 218 -7.83 -12.86 -36.62
N PRO A 219 -8.36 -13.94 -37.20
CA PRO A 219 -8.43 -15.20 -36.46
C PRO A 219 -7.06 -15.69 -36.00
N SER A 220 -6.01 -15.39 -36.76
CA SER A 220 -4.66 -15.82 -36.48
C SER A 220 -3.93 -14.90 -35.51
N ARG A 221 -4.66 -14.08 -34.75
CA ARG A 221 -4.05 -13.12 -33.85
C ARG A 221 -4.79 -13.11 -32.52
N GLY A 222 -4.03 -13.03 -31.43
CA GLY A 222 -4.59 -12.90 -30.11
C GLY A 222 -4.63 -11.44 -29.68
N ILE A 223 -5.53 -11.15 -28.74
CA ILE A 223 -5.71 -9.81 -28.21
C ILE A 223 -5.32 -9.84 -26.73
N ARG A 224 -4.62 -8.80 -26.29
CA ARG A 224 -4.14 -8.70 -24.91
C ARG A 224 -4.76 -7.47 -24.27
N LEU A 225 -5.54 -7.69 -23.22
CA LEU A 225 -6.16 -6.61 -22.47
C LEU A 225 -5.57 -6.58 -21.06
N LEU A 226 -5.40 -5.37 -20.54
CA LEU A 226 -4.93 -5.19 -19.18
C LEU A 226 -5.86 -4.18 -18.52
N GLU A 227 -6.29 -4.48 -17.30
CA GLU A 227 -7.14 -3.56 -16.55
C GLU A 227 -6.39 -3.08 -15.31
N ILE A 228 -6.35 -1.75 -15.13
CA ILE A 228 -5.69 -1.09 -14.02
C ILE A 228 -6.72 -0.77 -12.95
N GLY A 229 -6.34 -0.95 -11.69
CA GLY A 229 -7.24 -0.65 -10.59
C GLY A 229 -8.58 -1.34 -10.70
N ALA A 230 -8.57 -2.63 -11.06
CA ALA A 230 -9.80 -3.32 -11.37
C ALA A 230 -10.63 -3.63 -10.13
N GLY A 231 -10.03 -3.56 -8.94
CA GLY A 231 -10.80 -3.73 -7.71
C GLY A 231 -11.40 -5.11 -7.64
N THR A 232 -12.69 -5.17 -7.29
CA THR A 232 -13.41 -6.42 -7.27
C THR A 232 -13.94 -6.84 -8.63
N GLY A 233 -13.80 -5.99 -9.64
CA GLY A 233 -14.17 -6.33 -10.99
C GLY A 233 -15.54 -5.89 -11.43
N GLY A 234 -16.04 -4.77 -10.92
CA GLY A 234 -17.37 -4.30 -11.33
C GLY A 234 -17.44 -4.02 -12.82
N THR A 235 -16.47 -3.26 -13.34
CA THR A 235 -16.40 -3.06 -14.79
C THR A 235 -16.00 -4.34 -15.50
N THR A 236 -15.10 -5.13 -14.89
CA THR A 236 -14.61 -6.36 -15.50
C THR A 236 -15.75 -7.32 -15.84
N SER A 237 -16.75 -7.42 -14.98
CA SER A 237 -17.82 -8.39 -15.19
C SER A 237 -18.63 -8.11 -16.44
N TYR A 238 -18.65 -6.86 -16.92
CA TYR A 238 -19.33 -6.53 -18.15
C TYR A 238 -18.55 -6.96 -19.40
N ILE A 239 -17.23 -7.08 -19.29
CA ILE A 239 -16.39 -7.35 -20.46
C ILE A 239 -16.19 -8.84 -20.65
N LEU A 240 -15.93 -9.58 -19.57
CA LEU A 240 -15.54 -10.98 -19.67
C LEU A 240 -16.48 -11.85 -20.48
N PRO A 241 -17.82 -11.78 -20.34
CA PRO A 241 -18.67 -12.73 -21.08
C PRO A 241 -18.60 -12.59 -22.59
N HIS A 242 -18.08 -11.47 -23.11
CA HIS A 242 -18.03 -11.25 -24.55
C HIS A 242 -16.66 -11.54 -25.16
N LEU A 243 -15.64 -11.78 -24.35
CA LEU A 243 -14.32 -12.06 -24.90
C LEU A 243 -14.24 -13.49 -25.40
N ASN A 244 -13.50 -13.67 -26.50
CA ASN A 244 -13.25 -14.99 -27.06
C ASN A 244 -12.12 -15.66 -26.29
N PRO A 245 -12.40 -16.70 -25.51
CA PRO A 245 -11.32 -17.28 -24.67
C PRO A 245 -10.19 -17.89 -25.47
N ASN A 246 -10.42 -18.24 -26.74
CA ASN A 246 -9.39 -18.87 -27.55
C ASN A 246 -8.33 -17.89 -28.05
N GLN A 247 -8.63 -16.58 -28.08
CA GLN A 247 -7.66 -15.62 -28.59
C GLN A 247 -7.58 -14.38 -27.72
N THR A 248 -7.91 -14.49 -26.43
CA THR A 248 -7.85 -13.37 -25.51
C THR A 248 -6.95 -13.71 -24.33
N GLU A 249 -6.14 -12.72 -23.93
CA GLU A 249 -5.45 -12.74 -22.65
C GLU A 249 -5.87 -11.48 -21.90
N TYR A 250 -6.50 -11.64 -20.75
CA TYR A 250 -6.98 -10.53 -19.93
C TYR A 250 -6.19 -10.50 -18.63
N ILE A 251 -5.46 -9.42 -18.40
CA ILE A 251 -4.63 -9.27 -17.22
C ILE A 251 -5.39 -8.40 -16.23
N PHE A 252 -5.90 -9.03 -15.17
CA PHE A 252 -6.61 -8.35 -14.09
C PHE A 252 -5.59 -7.88 -13.06
N THR A 253 -5.50 -6.56 -12.86
CA THR A 253 -4.56 -5.98 -11.92
C THR A 253 -5.24 -5.03 -10.97
N ASP A 254 -4.66 -4.91 -9.79
CA ASP A 254 -5.00 -3.90 -8.81
C ASP A 254 -3.75 -3.69 -7.97
N ILE A 255 -3.68 -2.54 -7.31
CA ILE A 255 -2.54 -2.32 -6.43
C ILE A 255 -2.59 -3.24 -5.21
N GLY A 256 -3.79 -3.72 -4.84
CA GLY A 256 -3.99 -4.49 -3.61
C GLY A 256 -4.34 -5.94 -3.90
N ALA A 257 -3.57 -6.85 -3.27
CA ALA A 257 -3.77 -8.27 -3.47
C ALA A 257 -5.10 -8.76 -2.94
N LEU A 258 -5.70 -8.06 -1.97
CA LEU A 258 -7.02 -8.47 -1.49
C LEU A 258 -8.07 -8.36 -2.59
N PHE A 259 -7.91 -7.39 -3.50
CA PHE A 259 -8.87 -7.26 -4.58
C PHE A 259 -8.66 -8.33 -5.66
N THR A 260 -7.42 -8.59 -6.07
CA THR A 260 -7.20 -9.65 -7.05
C THR A 260 -7.60 -11.01 -6.48
N SER A 261 -7.42 -11.22 -5.18
CA SER A 261 -7.85 -12.46 -4.55
C SER A 261 -9.36 -12.63 -4.62
N LYS A 262 -10.12 -11.57 -4.33
CA LYS A 262 -11.57 -11.67 -4.40
C LYS A 262 -12.06 -11.82 -5.84
N ALA A 263 -11.39 -11.14 -6.77
CA ALA A 263 -11.80 -11.24 -8.17
C ALA A 263 -11.50 -12.62 -8.73
N GLN A 264 -10.38 -13.22 -8.31
CA GLN A 264 -10.06 -14.57 -8.78
C GLN A 264 -11.13 -15.57 -8.37
N GLU A 265 -11.75 -15.37 -7.20
CA GLU A 265 -12.84 -16.24 -6.78
C GLU A 265 -14.09 -16.01 -7.62
N LYS A 266 -14.40 -14.75 -7.93
CA LYS A 266 -15.61 -14.45 -8.70
C LYS A 266 -15.50 -14.94 -10.13
N PHE A 267 -14.31 -14.87 -10.71
CA PHE A 267 -14.10 -15.08 -12.13
C PHE A 267 -13.42 -16.42 -12.45
N GLN A 268 -13.70 -17.44 -11.63
CA GLN A 268 -13.09 -18.77 -11.85
C GLN A 268 -13.54 -19.38 -13.18
N ASP A 269 -14.73 -19.04 -13.65
CA ASP A 269 -15.25 -19.62 -14.88
C ASP A 269 -14.43 -19.23 -16.11
N TYR A 270 -13.70 -18.13 -16.05
CA TYR A 270 -12.96 -17.60 -17.20
C TYR A 270 -11.50 -18.01 -17.08
N ARG A 271 -11.03 -18.83 -18.02
CA ARG A 271 -9.69 -19.39 -17.97
C ARG A 271 -8.65 -18.57 -18.71
N PHE A 272 -9.04 -17.46 -19.33
CA PHE A 272 -8.11 -16.58 -20.01
C PHE A 272 -7.68 -15.40 -19.13
N LEU A 273 -8.06 -15.39 -17.87
CA LEU A 273 -7.69 -14.31 -16.96
C LEU A 273 -6.36 -14.60 -16.28
N GLY A 274 -5.52 -13.58 -16.22
CA GLY A 274 -4.34 -13.59 -15.37
C GLY A 274 -4.56 -12.57 -14.26
N TYR A 275 -3.90 -12.78 -13.12
CA TYR A 275 -4.02 -11.90 -11.98
C TYR A 275 -2.64 -11.44 -11.56
N GLN A 276 -2.47 -10.13 -11.36
CA GLN A 276 -1.17 -9.59 -10.99
C GLN A 276 -1.38 -8.23 -10.36
N THR A 277 -0.50 -7.86 -9.45
CA THR A 277 -0.61 -6.53 -8.83
C THR A 277 0.15 -5.51 -9.65
N LEU A 278 -0.39 -4.28 -9.69
CA LEU A 278 0.23 -3.20 -10.44
C LEU A 278 -0.09 -1.89 -9.74
N ASP A 279 0.96 -1.13 -9.40
CA ASP A 279 0.82 0.23 -8.90
C ASP A 279 1.16 1.18 -10.06
N ILE A 280 0.13 1.81 -10.62
CA ILE A 280 0.29 2.62 -11.83
C ILE A 280 1.11 3.88 -11.62
N GLU A 281 1.39 4.25 -10.37
CA GLU A 281 2.24 5.41 -10.12
C GLU A 281 3.72 5.10 -10.27
N VAL A 282 4.09 3.83 -10.38
CA VAL A 282 5.47 3.42 -10.57
C VAL A 282 5.58 2.73 -11.92
N ASP A 283 6.72 2.90 -12.57
CA ASP A 283 7.04 2.29 -13.85
C ASP A 283 6.55 0.85 -13.89
N PRO A 284 5.57 0.55 -14.75
CA PRO A 284 5.04 -0.82 -14.82
C PRO A 284 6.07 -1.87 -15.18
N SER A 285 7.08 -1.52 -15.97
CA SER A 285 8.06 -2.51 -16.41
C SER A 285 8.94 -2.99 -15.26
N SER A 286 8.94 -2.29 -14.13
CA SER A 286 9.61 -2.74 -12.93
C SER A 286 8.75 -3.66 -12.07
N GLN A 287 7.50 -3.90 -12.47
CA GLN A 287 6.58 -4.74 -11.74
C GLN A 287 6.17 -5.96 -12.53
N GLY A 288 6.96 -6.34 -13.52
CA GLY A 288 6.70 -7.54 -14.30
C GLY A 288 5.75 -7.38 -15.44
N PHE A 289 5.64 -6.18 -16.01
CA PHE A 289 4.78 -5.92 -17.15
C PHE A 289 5.62 -5.51 -18.34
N GLU A 290 5.29 -6.07 -19.50
CA GLU A 290 5.98 -5.73 -20.73
C GLU A 290 5.57 -4.32 -21.19
N SER A 291 6.52 -3.60 -21.78
CA SER A 291 6.26 -2.27 -22.27
C SER A 291 5.69 -2.34 -23.68
N HIS A 292 4.64 -1.56 -23.94
CA HIS A 292 4.08 -1.38 -25.28
C HIS A 292 3.63 -2.70 -25.91
N ARG A 293 3.08 -3.61 -25.08
CA ARG A 293 2.68 -4.93 -25.58
C ARG A 293 1.23 -5.28 -25.20
N TYR A 294 0.42 -4.30 -24.82
CA TYR A 294 -1.00 -4.55 -24.55
C TYR A 294 -1.84 -3.76 -25.55
N ASP A 295 -2.87 -4.42 -26.08
CA ASP A 295 -3.68 -3.81 -27.14
C ASP A 295 -4.75 -2.89 -26.56
N VAL A 296 -5.29 -3.23 -25.40
CA VAL A 296 -6.35 -2.46 -24.76
C VAL A 296 -6.02 -2.36 -23.28
N ILE A 297 -6.05 -1.14 -22.76
CA ILE A 297 -5.95 -0.90 -21.33
C ILE A 297 -7.28 -0.33 -20.87
N ILE A 298 -7.81 -0.88 -19.77
CA ILE A 298 -9.04 -0.42 -19.15
C ILE A 298 -8.67 0.18 -17.80
N ALA A 299 -9.16 1.39 -17.53
CA ALA A 299 -8.91 2.02 -16.23
C ALA A 299 -10.20 2.70 -15.77
N ALA A 300 -10.99 1.99 -14.96
CA ALA A 300 -12.28 2.48 -14.48
C ALA A 300 -12.12 2.99 -13.05
N ASN A 301 -12.19 4.32 -12.90
CA ASN A 301 -12.29 4.98 -11.58
C ASN A 301 -11.05 4.71 -10.71
N VAL A 302 -9.88 4.98 -11.29
CA VAL A 302 -8.64 4.70 -10.57
C VAL A 302 -7.58 5.78 -10.82
N LEU A 303 -7.42 6.20 -12.09
CA LEU A 303 -6.31 7.09 -12.42
C LEU A 303 -6.36 8.41 -11.66
N HIS A 304 -7.57 8.87 -11.31
CA HIS A 304 -7.69 10.08 -10.51
C HIS A 304 -7.03 9.93 -9.16
N ALA A 305 -7.03 8.73 -8.60
CA ALA A 305 -6.48 8.48 -7.27
C ALA A 305 -4.97 8.32 -7.28
N THR A 306 -4.27 9.16 -8.04
CA THR A 306 -2.82 9.12 -8.12
C THR A 306 -2.26 10.52 -7.87
N THR A 307 -0.95 10.60 -7.78
CA THR A 307 -0.27 11.84 -7.39
C THR A 307 -0.18 12.82 -8.55
N SER A 308 0.26 12.35 -9.71
CA SER A 308 0.41 13.17 -10.90
C SER A 308 -0.24 12.46 -12.07
N LEU A 309 -1.25 13.10 -12.67
CA LEU A 309 -1.93 12.49 -13.80
C LEU A 309 -0.99 12.34 -15.00
N LYS A 310 -0.09 13.29 -15.21
CA LYS A 310 0.85 13.17 -16.32
C LYS A 310 1.75 11.95 -16.17
N GLN A 311 2.29 11.72 -14.97
CA GLN A 311 3.18 10.56 -14.82
C GLN A 311 2.38 9.26 -14.79
N THR A 312 1.15 9.30 -14.27
CA THR A 312 0.27 8.13 -14.35
C THR A 312 -0.07 7.81 -15.79
N LEU A 313 -0.42 8.83 -16.58
CA LEU A 313 -0.77 8.59 -17.98
C LEU A 313 0.45 8.19 -18.81
N SER A 314 1.64 8.70 -18.47
CA SER A 314 2.84 8.24 -19.15
C SER A 314 3.11 6.77 -18.86
N HIS A 315 2.81 6.31 -17.64
CA HIS A 315 2.94 4.88 -17.35
C HIS A 315 1.89 4.06 -18.09
N VAL A 316 0.66 4.60 -18.18
CA VAL A 316 -0.38 3.94 -18.96
C VAL A 316 0.03 3.84 -20.42
N ARG A 317 0.51 4.96 -20.97
CA ARG A 317 0.95 4.96 -22.37
C ARG A 317 2.11 3.99 -22.59
N GLN A 318 2.95 3.80 -21.56
CA GLN A 318 4.09 2.91 -21.67
C GLN A 318 3.68 1.46 -21.88
N LEU A 319 2.46 1.09 -21.45
CA LEU A 319 1.97 -0.27 -21.57
C LEU A 319 1.27 -0.54 -22.90
N LEU A 320 0.90 0.48 -23.65
CA LEU A 320 0.06 0.32 -24.83
C LEU A 320 0.91 0.04 -26.07
N ALA A 321 0.45 -0.91 -26.87
CA ALA A 321 1.04 -1.15 -28.18
C ALA A 321 0.88 0.09 -29.05
N PRO A 322 1.71 0.24 -30.09
CA PRO A 322 1.71 1.49 -30.88
C PRO A 322 0.34 1.98 -31.34
N GLY A 323 -0.60 1.08 -31.67
CA GLY A 323 -1.93 1.54 -32.04
C GLY A 323 -3.03 1.16 -31.06
N GLY A 324 -2.64 0.87 -29.81
CA GLY A 324 -3.56 0.38 -28.82
C GLY A 324 -4.55 1.43 -28.34
N ILE A 325 -5.53 0.96 -27.57
CA ILE A 325 -6.68 1.74 -27.17
C ILE A 325 -6.72 1.85 -25.66
N LEU A 326 -6.89 3.07 -25.15
CA LEU A 326 -7.11 3.32 -23.74
C LEU A 326 -8.59 3.58 -23.51
N VAL A 327 -9.21 2.80 -22.64
CA VAL A 327 -10.62 2.97 -22.29
C VAL A 327 -10.66 3.46 -20.85
N LEU A 328 -11.11 4.69 -20.66
CA LEU A 328 -11.08 5.37 -19.38
C LEU A 328 -12.50 5.60 -18.89
N TYR A 329 -12.80 5.20 -17.66
CA TYR A 329 -14.08 5.45 -17.03
C TYR A 329 -13.82 6.26 -15.77
N GLU A 330 -14.28 7.51 -15.77
CA GLU A 330 -14.01 8.45 -14.69
C GLU A 330 -15.24 9.29 -14.39
N ALA A 331 -15.34 9.74 -13.14
CA ALA A 331 -16.28 10.78 -12.77
C ALA A 331 -15.68 12.15 -13.08
N THR A 332 -16.55 13.10 -13.44
CA THR A 332 -16.09 14.38 -13.95
C THR A 332 -16.51 15.58 -13.12
N THR A 333 -17.34 15.41 -12.09
CA THR A 333 -17.84 16.54 -11.32
C THR A 333 -17.68 16.26 -9.83
N ARG A 334 -17.64 17.33 -9.05
CA ARG A 334 -17.61 17.21 -7.60
C ARG A 334 -18.93 16.62 -7.11
N SER A 335 -18.84 15.74 -6.11
CA SER A 335 -20.02 15.13 -5.52
C SER A 335 -19.83 15.05 -4.01
N ARG A 336 -20.77 15.61 -3.26
CA ARG A 336 -20.63 15.66 -1.81
C ARG A 336 -20.68 14.27 -1.19
N TRP A 337 -21.61 13.42 -1.63
CA TRP A 337 -21.74 12.12 -1.00
C TRP A 337 -20.60 11.20 -1.39
N VAL A 338 -20.02 11.40 -2.57
CA VAL A 338 -18.83 10.65 -2.93
C VAL A 338 -17.66 11.08 -2.05
N ASP A 339 -17.56 12.37 -1.73
CA ASP A 339 -16.52 12.85 -0.83
C ASP A 339 -16.61 12.20 0.55
N LEU A 340 -17.80 11.77 0.95
CA LEU A 340 -17.99 11.14 2.25
C LEU A 340 -17.81 9.63 2.19
N ILE A 341 -17.46 9.08 1.04
CA ILE A 341 -17.16 7.66 0.92
C ILE A 341 -15.73 7.52 0.43
N PHE A 342 -15.53 7.64 -0.89
CA PHE A 342 -14.19 7.49 -1.45
C PHE A 342 -13.30 8.67 -1.14
N GLY A 343 -13.87 9.83 -0.79
CA GLY A 343 -13.07 10.94 -0.33
C GLY A 343 -12.47 10.75 1.05
N LEU A 344 -12.95 9.75 1.79
CA LEU A 344 -12.33 9.38 3.06
C LEU A 344 -10.98 8.69 2.85
N LEU A 345 -10.78 8.10 1.69
CA LEU A 345 -9.59 7.30 1.43
C LEU A 345 -8.43 8.18 1.00
N GLU A 346 -7.21 7.65 1.20
CA GLU A 346 -6.01 8.45 0.93
C GLU A 346 -5.85 8.77 -0.55
N GLY A 347 -6.34 7.90 -1.44
CA GLY A 347 -6.13 8.11 -2.87
C GLY A 347 -6.87 9.31 -3.40
N TRP A 348 -7.98 9.67 -2.79
CA TRP A 348 -8.74 10.84 -3.23
C TRP A 348 -7.94 12.12 -3.06
N TRP A 349 -7.00 12.15 -2.13
CA TRP A 349 -6.25 13.36 -1.81
C TRP A 349 -4.76 13.22 -2.08
N LYS A 350 -4.37 12.27 -2.93
CA LYS A 350 -2.96 12.12 -3.26
C LYS A 350 -2.46 13.20 -4.21
N PHE A 351 -3.35 13.80 -5.00
CA PHE A 351 -2.92 14.66 -6.10
C PHE A 351 -2.07 15.83 -5.60
N THR A 352 -0.97 16.10 -6.32
CA THR A 352 -0.12 17.24 -6.03
C THR A 352 0.14 18.09 -7.27
N ASP A 353 -0.35 17.68 -8.44
CA ASP A 353 -0.22 18.49 -9.67
C ASP A 353 -1.23 19.63 -9.63
N TYR A 354 -0.99 20.57 -8.70
CA TYR A 354 -1.97 21.60 -8.40
C TYR A 354 -2.23 22.54 -9.56
N GLU A 355 -1.27 22.68 -10.48
CA GLU A 355 -1.51 23.45 -11.68
C GLU A 355 -2.63 22.84 -12.52
N LEU A 356 -2.80 21.53 -12.47
CA LEU A 356 -3.88 20.83 -13.16
C LEU A 356 -5.08 20.57 -12.27
N ARG A 357 -4.85 20.23 -11.01
CA ARG A 357 -5.91 19.87 -10.05
C ARG A 357 -5.70 20.68 -8.79
N PRO A 358 -6.25 21.91 -8.73
CA PRO A 358 -5.99 22.76 -7.55
C PRO A 358 -6.52 22.18 -6.26
N ASP A 359 -7.74 21.63 -6.27
CA ASP A 359 -8.36 21.23 -5.01
C ASP A 359 -9.31 20.04 -5.12
N TYR A 360 -9.21 19.25 -6.19
CA TYR A 360 -10.05 18.06 -6.33
C TYR A 360 -9.32 17.07 -7.23
N PRO A 361 -9.50 15.77 -7.02
CA PRO A 361 -8.77 14.78 -7.84
C PRO A 361 -9.37 14.56 -9.23
N LEU A 362 -10.63 14.90 -9.47
CA LEU A 362 -11.27 14.56 -10.73
C LEU A 362 -11.08 15.66 -11.77
N LEU A 363 -11.10 15.26 -13.04
CA LEU A 363 -11.07 16.18 -14.17
C LEU A 363 -12.36 16.07 -14.97
N ASN A 364 -12.71 17.15 -15.67
CA ASN A 364 -13.87 17.13 -16.56
C ASN A 364 -13.45 16.62 -17.94
N ARG A 365 -14.43 16.54 -18.86
CA ARG A 365 -14.16 16.00 -20.19
C ARG A 365 -13.08 16.79 -20.91
N GLU A 366 -13.21 18.12 -20.92
CA GLU A 366 -12.24 18.95 -21.64
C GLU A 366 -10.85 18.81 -21.02
N GLN A 367 -10.76 18.73 -19.70
CA GLN A 367 -9.46 18.61 -19.05
C GLN A 367 -8.82 17.26 -19.34
N TRP A 368 -9.62 16.19 -19.36
CA TRP A 368 -9.08 14.88 -19.70
C TRP A 368 -8.54 14.85 -21.13
N LYS A 369 -9.29 15.41 -22.07
CA LYS A 369 -8.84 15.43 -23.46
C LYS A 369 -7.52 16.17 -23.59
N LYS A 370 -7.38 17.30 -22.89
CA LYS A 370 -6.15 18.07 -22.96
C LYS A 370 -4.98 17.30 -22.38
N VAL A 371 -5.15 16.68 -21.21
CA VAL A 371 -4.03 15.98 -20.59
C VAL A 371 -3.67 14.73 -21.41
N LEU A 372 -4.67 14.04 -21.98
CA LEU A 372 -4.39 12.89 -22.83
C LEU A 372 -3.61 13.29 -24.07
N SER A 373 -3.95 14.44 -24.67
CA SER A 373 -3.22 14.87 -25.86
C SER A 373 -1.79 15.27 -25.53
N GLU A 374 -1.52 15.60 -24.27
CA GLU A 374 -0.18 15.97 -23.82
C GLU A 374 0.65 14.78 -23.35
N THR A 375 0.04 13.60 -23.22
CA THR A 375 0.76 12.41 -22.76
C THR A 375 0.81 11.31 -23.80
N GLY A 376 0.67 11.66 -25.08
CA GLY A 376 0.89 10.69 -26.14
C GLY A 376 -0.34 9.94 -26.61
N PHE A 377 -1.52 10.52 -26.44
CA PHE A 377 -2.76 9.92 -26.91
C PHE A 377 -3.39 10.81 -27.96
N THR A 378 -4.07 10.17 -28.91
CA THR A 378 -4.71 10.84 -30.02
C THR A 378 -6.10 10.26 -30.22
N GLN A 379 -6.88 10.93 -31.06
CA GLN A 379 -8.24 10.51 -31.43
C GLN A 379 -9.09 10.23 -30.20
N VAL A 380 -9.16 11.24 -29.33
CA VAL A 380 -9.81 11.08 -28.03
C VAL A 380 -11.30 11.30 -28.18
N VAL A 381 -12.09 10.35 -27.68
CA VAL A 381 -13.54 10.40 -27.71
C VAL A 381 -14.06 10.32 -26.28
N THR A 382 -15.05 11.14 -25.95
CA THR A 382 -15.72 11.09 -24.66
C THR A 382 -17.14 10.61 -24.87
N LEU A 383 -17.57 9.66 -24.05
CA LEU A 383 -18.90 9.08 -24.15
C LEU A 383 -19.59 9.10 -22.79
N PRO A 384 -20.92 9.25 -22.77
CA PRO A 384 -21.81 9.45 -23.91
C PRO A 384 -21.98 10.92 -24.28
N GLU A 385 -22.41 11.21 -25.51
CA GLU A 385 -22.67 12.58 -26.00
C GLU A 385 -23.96 12.52 -26.83
N VAL A 386 -25.09 12.60 -26.14
CA VAL A 386 -26.41 12.56 -26.77
C VAL A 386 -27.21 13.75 -26.29
N GLU A 387 -27.95 14.38 -27.20
CA GLU A 387 -28.85 15.45 -26.79
C GLU A 387 -30.00 14.91 -25.96
N GLY A 388 -30.56 15.76 -25.12
CA GLY A 388 -31.59 15.31 -24.20
C GLY A 388 -31.10 14.34 -23.16
N ALA A 390 -29.61 12.74 -19.68
CA ALA A 390 -29.78 12.99 -18.24
C ALA A 390 -28.52 13.64 -17.68
N GLU A 391 -28.72 14.59 -16.77
CA GLU A 391 -27.58 15.31 -16.19
C GLU A 391 -26.63 14.36 -15.47
N ALA A 392 -27.14 13.25 -14.96
CA ALA A 392 -26.28 12.29 -14.29
C ALA A 392 -25.26 11.69 -15.25
N LEU A 393 -25.65 11.49 -16.51
CA LEU A 393 -24.72 10.96 -17.49
C LEU A 393 -23.66 11.99 -17.92
N SER A 394 -23.89 13.27 -17.63
CA SER A 394 -22.87 14.28 -17.86
C SER A 394 -21.83 14.31 -16.77
N GLN A 395 -22.12 13.75 -15.59
CA GLN A 395 -21.22 13.79 -14.45
C GLN A 395 -20.25 12.63 -14.42
N GLN A 396 -20.34 11.71 -15.38
CA GLN A 396 -19.36 10.66 -15.57
C GLN A 396 -19.14 10.49 -17.07
N THR A 397 -18.00 9.91 -17.44
CA THR A 397 -17.69 9.74 -18.85
C THR A 397 -16.87 8.48 -19.06
N VAL A 398 -17.08 7.86 -20.22
CA VAL A 398 -16.15 6.85 -20.73
C VAL A 398 -15.32 7.52 -21.81
N ILE A 399 -14.01 7.52 -21.64
CA ILE A 399 -13.10 8.17 -22.57
C ILE A 399 -12.31 7.10 -23.30
N VAL A 400 -12.22 7.23 -24.62
CA VAL A 400 -11.49 6.30 -25.46
C VAL A 400 -10.44 7.09 -26.22
N ALA A 401 -9.20 6.65 -26.14
CA ALA A 401 -8.09 7.34 -26.77
C ALA A 401 -7.16 6.30 -27.37
N GLN A 402 -6.39 6.72 -28.37
CA GLN A 402 -5.48 5.83 -29.06
C GLN A 402 -4.04 6.22 -28.73
N ALA A 403 -3.20 5.22 -28.50
CA ALA A 403 -1.78 5.46 -28.35
C ALA A 403 -1.21 6.01 -29.66
N ALA A 404 -0.56 7.16 -29.57
CA ALA A 404 0.02 7.83 -30.73
C ALA A 404 1.53 7.58 -30.79
N SER A 405 2.11 7.97 -31.93
CA SER A 405 3.56 7.83 -32.11
C SER A 405 4.04 8.79 -33.20
N LEU B 30 16.21 -34.51 -1.31
CA LEU B 30 16.86 -33.75 -2.37
C LEU B 30 17.88 -32.77 -1.78
N LEU B 31 17.37 -31.71 -1.17
CA LEU B 31 18.20 -30.69 -0.52
C LEU B 31 17.97 -30.76 0.98
N ASP B 32 19.01 -31.11 1.73
CA ASP B 32 18.91 -31.24 3.18
C ASP B 32 19.59 -30.08 3.87
N PRO B 33 18.85 -29.18 4.52
CA PRO B 33 19.48 -28.05 5.22
C PRO B 33 20.50 -28.48 6.27
N VAL B 34 20.23 -29.59 6.96
CA VAL B 34 21.13 -30.04 8.02
C VAL B 34 22.48 -30.43 7.45
N GLU B 35 22.48 -31.19 6.35
CA GLU B 35 23.74 -31.57 5.72
C GLU B 35 24.46 -30.36 5.16
N VAL B 36 23.72 -29.39 4.62
CA VAL B 36 24.33 -28.17 4.09
C VAL B 36 25.05 -27.41 5.20
N SER B 37 24.40 -27.24 6.35
CA SER B 37 25.00 -26.49 7.45
C SER B 37 26.24 -27.19 7.99
N GLN B 38 26.28 -28.52 7.96
CA GLN B 38 27.49 -29.22 8.39
C GLN B 38 28.64 -28.96 7.43
N GLN B 39 28.34 -28.87 6.13
CA GLN B 39 29.40 -28.67 5.15
C GLN B 39 29.95 -27.25 5.20
N LEU B 40 29.13 -26.29 5.61
CA LEU B 40 29.57 -24.92 5.81
C LEU B 40 30.25 -24.68 7.16
N ALA B 41 30.39 -25.73 7.97
CA ALA B 41 30.86 -25.56 9.35
C ALA B 41 32.20 -24.85 9.45
N PRO B 42 33.26 -25.26 8.75
CA PRO B 42 34.52 -24.52 8.88
C PRO B 42 34.45 -23.11 8.35
N SER B 43 33.66 -22.89 7.29
CA SER B 43 33.52 -21.54 6.74
C SER B 43 32.80 -20.63 7.72
N LEU B 44 31.80 -21.16 8.45
CA LEU B 44 31.04 -20.33 9.37
C LEU B 44 31.86 -19.96 10.60
N THR B 45 32.63 -20.91 11.13
CA THR B 45 33.45 -20.62 12.31
C THR B 45 34.46 -19.51 12.01
N GLU B 46 35.07 -19.55 10.82
CA GLU B 46 35.96 -18.47 10.43
C GLU B 46 35.20 -17.17 10.23
N LEU B 47 33.98 -17.24 9.71
CA LEU B 47 33.21 -16.03 9.43
C LEU B 47 32.88 -15.27 10.70
N VAL B 48 32.49 -15.98 11.76
CA VAL B 48 32.05 -15.31 12.98
C VAL B 48 33.21 -14.79 13.82
N THR B 49 34.44 -15.26 13.58
CA THR B 49 35.57 -14.80 14.38
C THR B 49 36.11 -13.46 13.92
N LEU B 50 36.02 -13.16 12.62
CA LEU B 50 36.52 -11.89 12.10
C LEU B 50 35.64 -10.71 12.50
N LEU B 51 34.55 -10.94 13.23
CA LEU B 51 33.72 -9.88 13.77
C LEU B 51 34.11 -9.65 15.22
N ASP B 52 34.56 -8.44 15.53
CA ASP B 52 35.08 -8.14 16.87
C ASP B 52 33.94 -8.18 17.88
N ASN B 53 34.05 -9.06 18.87
CA ASN B 53 32.98 -9.25 19.84
C ASN B 53 32.82 -8.03 20.74
N ALA B 54 33.93 -7.53 21.30
CA ALA B 54 33.86 -6.44 22.25
C ALA B 54 33.43 -5.13 21.57
N ARG B 55 33.85 -4.91 20.33
CA ARG B 55 33.51 -3.66 19.66
C ARG B 55 32.06 -3.63 19.22
N THR B 56 31.57 -4.72 18.61
CA THR B 56 30.20 -4.76 18.16
C THR B 56 29.23 -4.76 19.34
N SER B 57 29.66 -5.28 20.50
CA SER B 57 28.83 -5.24 21.69
C SER B 57 28.84 -3.86 22.35
N GLU B 58 29.98 -3.16 22.26
CA GLU B 58 30.05 -1.81 22.82
C GLU B 58 29.19 -0.84 22.02
N ILE B 59 29.20 -0.96 20.68
CA ILE B 59 28.35 -0.11 19.86
C ILE B 59 26.88 -0.37 20.16
N GLY B 60 26.50 -1.65 20.25
CA GLY B 60 25.11 -1.99 20.51
C GLY B 60 24.62 -1.43 21.83
N THR B 61 25.49 -1.45 22.84
CA THR B 61 25.14 -0.86 24.13
C THR B 61 25.00 0.66 24.03
N GLN B 62 25.93 1.32 23.34
CA GLN B 62 25.82 2.76 23.15
C GLN B 62 24.54 3.12 22.42
N LEU B 63 24.16 2.31 21.43
CA LEU B 63 22.95 2.57 20.66
C LEU B 63 21.68 2.39 21.50
N GLU B 64 21.65 1.36 22.34
CA GLU B 64 20.48 1.16 23.19
C GLU B 64 20.29 2.30 24.17
N GLU B 65 21.39 2.89 24.64
CA GLU B 65 21.31 4.01 25.57
C GLU B 65 21.01 5.32 24.84
N LEU B 66 21.60 5.51 23.67
CA LEU B 66 21.27 6.68 22.86
C LEU B 66 19.78 6.72 22.52
N SER B 67 19.20 5.54 22.27
CA SER B 67 17.77 5.48 21.94
C SER B 67 16.90 6.06 23.05
N VAL B 68 17.26 5.80 24.31
CA VAL B 68 16.46 6.33 25.42
C VAL B 68 16.45 7.85 25.39
N ASP B 69 17.57 8.45 25.02
CA ASP B 69 17.64 9.91 24.93
C ASP B 69 16.81 10.44 23.77
N TYR B 70 16.72 9.70 22.66
CA TYR B 70 15.83 10.12 21.58
C TYR B 70 14.37 10.07 22.02
N ILE B 71 14.01 9.05 22.82
CA ILE B 71 12.64 8.92 23.30
C ILE B 71 12.30 10.05 24.26
N VAL B 72 13.20 10.32 25.22
CA VAL B 72 12.93 11.37 26.20
C VAL B 72 12.84 12.72 25.52
N GLN B 73 13.79 13.03 24.63
CA GLN B 73 13.73 14.28 23.88
C GLN B 73 12.40 14.43 23.15
N GLY B 74 11.96 13.37 22.48
CA GLY B 74 10.70 13.43 21.76
C GLY B 74 9.50 13.64 22.67
N LEU B 75 9.48 12.95 23.81
CA LEU B 75 8.37 13.09 24.75
C LEU B 75 8.35 14.48 25.37
N LEU B 76 9.53 15.04 25.66
CA LEU B 76 9.59 16.40 26.21
C LEU B 76 9.10 17.44 25.19
N GLN B 77 9.40 17.23 23.91
CA GLN B 77 8.90 18.11 22.86
C GLN B 77 7.39 18.06 22.74
N GLY B 79 5.51 17.88 25.42
CA GLY B 79 5.04 18.44 26.67
C GLY B 79 5.08 17.52 27.87
N TRP B 80 5.85 16.44 27.82
CA TRP B 80 5.97 15.53 28.96
C TRP B 80 6.44 16.28 30.19
N SER B 81 5.69 16.14 31.28
CA SER B 81 6.07 16.79 32.53
C SER B 81 5.72 15.95 33.75
N TYR B 82 5.55 14.64 33.59
CA TYR B 82 5.21 13.77 34.71
C TYR B 82 6.36 13.73 35.70
N GLN B 83 6.08 14.08 36.94
CA GLN B 83 7.04 14.04 38.04
C GLN B 83 6.88 12.75 38.83
N PRO B 84 7.92 12.32 39.55
CA PRO B 84 7.84 11.05 40.27
C PRO B 84 6.63 10.96 41.19
N THR B 85 6.18 9.72 41.41
CA THR B 85 5.01 9.30 42.17
C THR B 85 3.70 9.51 41.41
N GLU B 86 3.71 10.18 40.26
CA GLU B 86 2.50 10.32 39.46
C GLU B 86 2.25 9.05 38.65
N SER B 87 0.98 8.81 38.33
CA SER B 87 0.56 7.61 37.62
C SER B 87 -0.32 8.00 36.44
N PHE B 88 -0.28 7.19 35.39
CA PHE B 88 -1.10 7.46 34.21
C PHE B 88 -1.40 6.17 33.48
N ASP B 89 -2.53 6.17 32.77
CA ASP B 89 -2.92 5.11 31.86
C ASP B 89 -2.31 5.36 30.49
N LEU B 90 -2.26 4.30 29.68
CA LEU B 90 -1.73 4.43 28.32
C LEU B 90 -2.50 5.46 27.51
N ASP B 91 -3.83 5.32 27.46
CA ASP B 91 -4.63 6.23 26.65
C ASP B 91 -4.58 7.65 27.20
N ALA B 92 -4.46 7.80 28.52
CA ALA B 92 -4.43 9.15 29.11
C ALA B 92 -3.17 9.90 28.74
N ALA B 93 -2.01 9.23 28.78
CA ALA B 93 -0.78 9.88 28.35
C ALA B 93 -0.79 10.14 26.86
N ALA B 94 -1.34 9.21 26.06
CA ALA B 94 -1.38 9.39 24.62
C ALA B 94 -2.19 10.62 24.25
N GLN B 95 -3.34 10.82 24.89
CA GLN B 95 -4.16 11.99 24.60
C GLN B 95 -3.47 13.26 25.08
N CYS B 96 -2.82 13.21 26.24
CA CYS B 96 -2.16 14.41 26.76
C CYS B 96 -0.99 14.83 25.87
N LEU B 97 -0.23 13.88 25.35
CA LEU B 97 0.91 14.23 24.51
C LEU B 97 0.53 14.43 23.05
N GLY B 98 -0.68 14.05 22.66
CA GLY B 98 -1.08 14.18 21.27
C GLY B 98 -0.68 13.03 20.37
N VAL B 99 -0.49 11.83 20.92
CA VAL B 99 -0.17 10.66 20.10
C VAL B 99 -1.39 10.26 19.28
N VAL B 100 -1.22 10.17 17.97
CA VAL B 100 -2.33 9.79 17.08
C VAL B 100 -2.64 8.30 17.27
N PRO B 101 -3.88 7.87 17.03
CA PRO B 101 -4.24 6.45 17.29
C PRO B 101 -3.37 5.43 16.57
N THR B 102 -2.84 5.73 15.39
CA THR B 102 -2.00 4.78 14.68
C THR B 102 -0.62 4.62 15.28
N GLN B 103 -0.21 5.50 16.19
CA GLN B 103 1.12 5.41 16.78
C GLN B 103 1.08 4.97 18.25
N VAL B 104 -0.10 4.57 18.75
CA VAL B 104 -0.23 4.23 20.16
C VAL B 104 0.53 2.95 20.48
N ARG B 105 0.49 1.96 19.58
CA ARG B 105 1.24 0.73 19.81
C ARG B 105 2.72 1.01 19.98
N LEU B 106 3.28 1.84 19.10
CA LEU B 106 4.67 2.27 19.26
C LEU B 106 4.86 3.02 20.56
N PHE B 107 3.93 3.93 20.88
CA PHE B 107 4.04 4.71 22.11
C PHE B 107 4.08 3.80 23.33
N GLU B 108 3.30 2.71 23.32
CA GLU B 108 3.34 1.76 24.43
C GLU B 108 4.71 1.10 24.54
N ARG B 109 5.32 0.76 23.39
CA ARG B 109 6.66 0.20 23.42
C ARG B 109 7.65 1.19 24.03
N LEU B 110 7.52 2.48 23.69
CA LEU B 110 8.42 3.49 24.24
C LEU B 110 8.27 3.61 25.76
N LEU B 111 7.04 3.53 26.27
CA LEU B 111 6.84 3.51 27.71
C LEU B 111 7.47 2.25 28.31
N GLN B 112 7.32 1.12 27.61
CA GLN B 112 7.98 -0.11 28.05
C GLN B 112 9.49 0.08 28.13
N ILE B 113 10.06 0.82 27.17
CA ILE B 113 11.50 1.09 27.21
C ILE B 113 11.84 1.98 28.41
N LEU B 114 11.01 2.98 28.69
CA LEU B 114 11.29 3.84 29.85
C LEU B 114 11.21 3.05 31.15
N ALA B 115 10.36 2.02 31.22
CA ALA B 115 10.35 1.14 32.38
C ALA B 115 11.61 0.31 32.47
N GLU B 116 12.20 -0.07 31.33
CA GLU B 116 13.42 -0.87 31.35
C GLU B 116 14.58 -0.11 31.98
N VAL B 117 14.61 1.21 31.84
CA VAL B 117 15.69 2.03 32.39
C VAL B 117 15.30 2.68 33.71
N GLY B 118 14.16 2.30 34.29
CA GLY B 118 13.77 2.77 35.60
C GLY B 118 13.05 4.10 35.64
N ILE B 119 12.78 4.73 34.50
CA ILE B 119 12.08 6.01 34.50
C ILE B 119 10.61 5.81 34.86
N LEU B 120 9.99 4.75 34.31
CA LEU B 120 8.63 4.36 34.64
C LEU B 120 8.64 3.00 35.32
N GLN B 121 7.51 2.69 35.95
CA GLN B 121 7.30 1.37 36.53
C GLN B 121 5.91 0.89 36.13
N SER B 122 5.84 -0.31 35.56
CA SER B 122 4.57 -0.84 35.08
C SER B 122 3.82 -1.50 36.23
N ASN B 123 2.61 -1.01 36.51
CA ASN B 123 1.77 -1.54 37.58
C ASN B 123 0.40 -1.85 36.98
N GLN B 124 0.12 -3.14 36.79
CA GLN B 124 -1.10 -3.60 36.12
C GLN B 124 -1.08 -2.97 34.72
N GLN B 125 -2.13 -2.25 34.31
CA GLN B 125 -2.13 -1.50 33.07
C GLN B 125 -1.85 -0.02 33.29
N GLN B 126 -1.35 0.34 34.46
CA GLN B 126 -0.98 1.71 34.79
C GLN B 126 0.53 1.90 34.66
N TRP B 127 0.96 3.15 34.67
CA TRP B 127 2.36 3.50 34.62
C TRP B 127 2.64 4.53 35.71
N GLN B 128 3.47 4.16 36.68
CA GLN B 128 3.91 5.09 37.72
C GLN B 128 5.27 5.65 37.37
N VAL B 129 5.41 6.97 37.50
CA VAL B 129 6.68 7.64 37.20
C VAL B 129 7.61 7.50 38.38
N GLN B 130 8.85 7.07 38.12
CA GLN B 130 9.87 6.88 39.15
C GLN B 130 10.91 7.99 39.15
N LYS B 131 11.43 8.35 37.98
CA LYS B 131 12.42 9.40 37.85
C LYS B 131 11.87 10.53 36.99
N THR B 132 12.51 11.68 37.09
CA THR B 132 12.16 12.85 36.29
C THR B 132 12.90 12.78 34.94
N ALA B 133 12.16 12.96 33.86
CA ALA B 133 12.76 12.94 32.53
C ALA B 133 13.64 14.17 32.33
N GLN B 134 14.94 13.95 32.12
CA GLN B 134 15.90 15.03 32.03
C GLN B 134 16.13 15.44 30.58
N LYS B 135 16.30 16.74 30.37
CA LYS B 135 16.60 17.27 29.05
C LYS B 135 17.97 16.78 28.59
N VAL B 136 18.02 16.26 27.36
CA VAL B 136 19.24 15.70 26.80
C VAL B 136 19.35 16.14 25.34
N ASN B 137 20.57 16.02 24.80
CA ASN B 137 20.84 16.32 23.40
C ASN B 137 21.34 15.03 22.76
N PRO B 138 20.42 14.15 22.34
CA PRO B 138 20.87 12.89 21.72
C PRO B 138 21.68 13.09 20.46
N SER B 139 21.41 14.17 19.70
CA SER B 139 22.21 14.45 18.52
C SER B 139 23.68 14.63 18.87
N LYS B 140 23.97 15.20 20.03
CA LYS B 140 25.37 15.37 20.45
C LYS B 140 26.05 14.02 20.65
N GLN B 141 25.38 13.09 21.34
CA GLN B 141 25.96 11.76 21.51
C GLN B 141 26.03 11.00 20.19
N SER B 142 25.06 11.22 19.31
CA SER B 142 25.10 10.59 17.99
C SER B 142 26.34 11.01 17.22
N GLN B 143 26.68 12.30 17.28
CA GLN B 143 27.89 12.79 16.61
C GLN B 143 29.13 12.18 17.23
N SER B 144 29.16 12.04 18.56
CA SER B 144 30.29 11.44 19.22
C SER B 144 30.48 9.99 18.79
N LEU B 145 29.38 9.24 18.69
CA LEU B 145 29.48 7.85 18.24
C LEU B 145 29.95 7.77 16.79
N LEU B 146 29.47 8.70 15.94
CA LEU B 146 29.90 8.71 14.55
C LEU B 146 31.41 8.82 14.42
N SER B 147 32.03 9.65 15.27
CA SER B 147 33.48 9.81 15.22
C SER B 147 34.20 8.60 15.78
N GLN B 148 33.57 7.88 16.72
CA GLN B 148 34.20 6.70 17.29
C GLN B 148 34.05 5.49 16.38
N TYR B 149 32.89 5.31 15.76
CA TYR B 149 32.58 4.14 14.95
C TYR B 149 32.07 4.58 13.58
N PRO B 150 32.97 5.11 12.73
CA PRO B 150 32.54 5.54 11.39
C PRO B 150 32.07 4.39 10.51
N ASP B 151 32.43 3.15 10.82
CA ASP B 151 31.94 2.02 10.05
C ASP B 151 30.45 1.76 10.29
N GLU B 152 29.86 2.34 11.34
CA GLU B 152 28.43 2.26 11.57
C GLU B 152 27.72 3.58 11.24
N ALA B 153 28.28 4.34 10.30
CA ALA B 153 27.72 5.64 9.96
C ALA B 153 26.30 5.53 9.42
N ALA B 154 26.02 4.48 8.63
CA ALA B 154 24.69 4.33 8.06
C ALA B 154 23.64 4.14 9.15
N THR B 155 23.94 3.31 10.15
CA THR B 155 23.03 3.12 11.27
C THR B 155 22.80 4.42 12.01
N LEU B 156 23.89 5.11 12.38
CA LEU B 156 23.77 6.35 13.14
C LEU B 156 23.04 7.43 12.35
N THR B 157 23.29 7.52 11.04
CA THR B 157 22.63 8.54 10.23
C THR B 157 21.13 8.27 10.13
N LEU B 158 20.77 7.02 9.85
CA LEU B 158 19.35 6.66 9.74
C LEU B 158 18.63 6.83 11.07
N LEU B 159 19.28 6.45 12.17
CA LEU B 159 18.68 6.64 13.47
C LEU B 159 18.49 8.13 13.77
N GLU B 160 19.49 8.94 13.45
CA GLU B 160 19.35 10.38 13.65
C GLU B 160 18.18 10.94 12.85
N ARG B 161 18.08 10.57 11.58
CA ARG B 161 17.01 11.12 10.74
C ARG B 161 15.64 10.71 11.25
N CYS B 162 15.50 9.45 11.70
CA CYS B 162 14.19 8.95 12.14
C CYS B 162 13.88 9.38 13.56
N ALA B 163 14.80 9.14 14.49
CA ALA B 163 14.49 9.31 15.91
C ALA B 163 14.44 10.77 16.32
N SER B 164 15.14 11.66 15.60
CA SER B 164 15.04 13.08 15.91
C SER B 164 13.67 13.62 15.56
N GLN B 165 12.93 12.93 14.68
CA GLN B 165 11.58 13.32 14.30
C GLN B 165 10.52 12.49 15.02
N LEU B 166 10.86 11.91 16.17
CA LEU B 166 9.94 10.99 16.83
C LEU B 166 8.64 11.69 17.23
N SER B 167 8.73 12.91 17.78
CA SER B 167 7.52 13.59 18.23
C SER B 167 6.58 13.89 17.07
N GLY B 168 7.12 14.30 15.92
CA GLY B 168 6.28 14.55 14.77
C GLY B 168 5.63 13.28 14.25
N VAL B 169 6.35 12.16 14.29
CA VAL B 169 5.77 10.88 13.89
C VAL B 169 4.63 10.49 14.82
N LEU B 170 4.84 10.65 16.13
CA LEU B 170 3.82 10.27 17.09
C LEU B 170 2.58 11.14 16.96
N ARG B 171 2.74 12.39 16.56
CA ARG B 171 1.63 13.31 16.38
C ARG B 171 1.04 13.25 14.99
N GLY B 172 1.45 12.29 14.16
CA GLY B 172 0.87 12.13 12.85
C GLY B 172 1.23 13.20 11.85
N GLU B 173 2.24 14.04 12.15
CA GLU B 173 2.59 15.15 11.28
C GLU B 173 3.65 14.78 10.26
N ILE B 174 4.40 13.71 10.49
CA ILE B 174 5.45 13.26 9.60
C ILE B 174 5.15 11.82 9.21
N ASP B 175 5.12 11.56 7.91
CA ASP B 175 4.98 10.19 7.42
C ASP B 175 6.29 9.45 7.62
N PRO B 176 6.35 8.41 8.47
CA PRO B 176 7.64 7.76 8.75
C PRO B 176 8.25 7.06 7.55
N VAL B 177 7.47 6.71 6.53
CA VAL B 177 8.05 6.15 5.31
C VAL B 177 9.05 7.13 4.69
N GLN B 178 8.73 8.42 4.74
CA GLN B 178 9.64 9.44 4.20
C GLN B 178 10.90 9.60 5.03
N LEU B 179 10.94 9.04 6.24
CA LEU B 179 12.16 9.06 7.03
C LEU B 179 13.02 7.83 6.79
N VAL B 180 12.40 6.66 6.75
CA VAL B 180 13.15 5.42 6.58
C VAL B 180 13.46 5.18 5.09
N PHE B 181 12.46 5.34 4.22
CA PHE B 181 12.62 5.03 2.80
C PHE B 181 12.18 6.20 1.91
N PRO B 182 12.76 7.39 2.08
CA PRO B 182 12.46 8.46 1.12
C PRO B 182 12.94 8.07 -0.27
N GLN B 183 12.19 8.54 -1.28
CA GLN B 183 12.47 8.13 -2.65
C GLN B 183 13.90 8.48 -3.04
N GLY B 184 14.40 9.63 -2.59
CA GLY B 184 15.73 10.06 -2.95
C GLY B 184 16.86 9.45 -2.15
N ASP B 185 16.56 8.67 -1.11
CA ASP B 185 17.62 8.02 -0.32
C ASP B 185 17.09 6.68 0.20
N LEU B 186 17.18 5.66 -0.65
CA LEU B 186 17.03 4.28 -0.21
C LEU B 186 18.34 3.65 0.20
N THR B 187 19.48 4.24 -0.17
CA THR B 187 20.77 3.60 0.07
C THR B 187 21.16 3.59 1.54
N THR B 188 20.62 4.49 2.36
CA THR B 188 20.96 4.48 3.78
C THR B 188 20.40 3.23 4.46
N ALA B 189 19.09 3.00 4.32
CA ALA B 189 18.52 1.76 4.83
C ALA B 189 19.09 0.54 4.11
N THR B 190 19.55 0.70 2.87
CA THR B 190 20.19 -0.41 2.17
C THR B 190 21.48 -0.82 2.88
N GLN B 191 22.31 0.15 3.24
CA GLN B 191 23.60 -0.15 3.87
C GLN B 191 23.43 -0.78 5.25
N LEU B 192 22.34 -0.45 5.94
CA LEU B 192 22.08 -1.08 7.23
C LEU B 192 21.75 -2.56 7.07
N TYR B 193 20.91 -2.89 6.08
CA TYR B 193 20.55 -4.27 5.84
C TYR B 193 21.66 -5.07 5.18
N LYS B 194 22.66 -4.40 4.61
CA LYS B 194 23.64 -5.04 3.75
C LYS B 194 25.05 -5.04 4.34
N ASP B 195 25.51 -3.90 4.85
CA ASP B 195 26.92 -3.73 5.19
C ASP B 195 27.17 -3.39 6.66
N SER B 196 26.17 -3.51 7.53
CA SER B 196 26.48 -3.44 8.95
C SER B 196 27.32 -4.66 9.34
N ALA B 197 28.00 -4.55 10.49
CA ALA B 197 28.93 -5.59 10.91
C ALA B 197 28.26 -6.96 10.97
N VAL B 198 27.12 -7.06 11.65
CA VAL B 198 26.42 -8.34 11.76
C VAL B 198 25.79 -8.72 10.43
N ALA B 199 25.28 -7.73 9.68
CA ALA B 199 24.60 -8.03 8.42
C ALA B 199 25.55 -8.64 7.40
N LYS B 200 26.83 -8.24 7.41
CA LYS B 200 27.81 -8.88 6.54
C LYS B 200 27.92 -10.37 6.83
N VAL B 201 27.98 -10.74 8.12
CA VAL B 201 28.05 -12.15 8.46
C VAL B 201 26.79 -12.87 8.01
N ASN B 203 24.34 -12.08 5.88
CA ASN B 203 24.12 -12.14 4.43
C ASN B 203 25.09 -13.08 3.75
N THR B 204 26.32 -13.19 4.26
CA THR B 204 27.26 -14.16 3.71
C THR B 204 26.81 -15.59 3.99
N ILE B 205 26.24 -15.83 5.17
CA ILE B 205 25.68 -17.14 5.47
C ILE B 205 24.57 -17.49 4.47
N VAL B 206 23.69 -16.52 4.19
CA VAL B 206 22.62 -16.73 3.22
C VAL B 206 23.20 -17.14 1.87
N GLU B 207 24.24 -16.42 1.42
CA GLU B 207 24.90 -16.76 0.17
C GLU B 207 25.53 -18.14 0.23
N LYS B 208 26.24 -18.45 1.33
CA LYS B 208 26.91 -19.73 1.42
C LYS B 208 25.92 -20.88 1.50
N VAL B 209 24.79 -20.68 2.17
CA VAL B 209 23.77 -21.73 2.26
C VAL B 209 23.22 -22.06 0.88
N ILE B 210 22.87 -21.02 0.12
CA ILE B 210 22.24 -21.22 -1.18
C ILE B 210 23.21 -21.88 -2.15
N LYS B 212 25.85 -23.68 -1.39
CA LYS B 212 26.09 -25.04 -0.95
C LYS B 212 24.94 -25.95 -1.32
N ALA B 213 23.70 -25.47 -1.20
CA ALA B 213 22.55 -26.30 -1.52
C ALA B 213 22.47 -26.62 -3.01
N GLU B 215 24.98 -27.17 -5.03
CA GLU B 215 25.97 -28.18 -5.41
C GLU B 215 25.38 -29.58 -5.41
N LYS B 216 24.27 -29.79 -4.70
CA LYS B 216 23.62 -31.09 -4.65
C LYS B 216 22.73 -31.36 -5.86
N LEU B 217 22.47 -30.34 -6.69
CA LEU B 217 21.62 -30.47 -7.86
C LEU B 217 22.39 -30.98 -9.07
N PRO B 218 21.73 -31.68 -9.98
CA PRO B 218 22.39 -32.18 -11.19
C PRO B 218 22.97 -31.04 -12.00
N PRO B 219 23.89 -31.33 -12.94
CA PRO B 219 24.53 -30.24 -13.70
C PRO B 219 23.56 -29.45 -14.56
N SER B 220 22.66 -30.12 -15.27
CA SER B 220 21.72 -29.45 -16.16
C SER B 220 20.44 -29.00 -15.45
N ARG B 221 20.35 -29.18 -14.14
CA ARG B 221 19.13 -28.87 -13.40
C ARG B 221 19.05 -27.37 -13.14
N GLY B 222 18.10 -26.70 -13.76
CA GLY B 222 17.86 -25.30 -13.48
C GLY B 222 17.17 -25.11 -12.14
N ILE B 223 17.42 -23.95 -11.53
CA ILE B 223 16.87 -23.64 -10.22
C ILE B 223 16.06 -22.36 -10.29
N ARG B 224 14.96 -22.32 -9.55
CA ARG B 224 14.06 -21.18 -9.51
C ARG B 224 14.06 -20.63 -8.09
N LEU B 225 14.49 -19.38 -7.93
CA LEU B 225 14.55 -18.71 -6.64
C LEU B 225 13.57 -17.54 -6.64
N LEU B 226 12.95 -17.33 -5.49
CA LEU B 226 12.07 -16.19 -5.27
C LEU B 226 12.45 -15.56 -3.94
N GLU B 227 12.53 -14.23 -3.92
CA GLU B 227 12.81 -13.49 -2.70
C GLU B 227 11.59 -12.66 -2.34
N ILE B 228 11.09 -12.87 -1.12
CA ILE B 228 9.95 -12.14 -0.58
C ILE B 228 10.48 -10.92 0.17
N GLY B 229 9.79 -9.79 0.04
CA GLY B 229 10.17 -8.57 0.74
C GLY B 229 11.62 -8.20 0.50
N ALA B 230 12.04 -8.24 -0.76
CA ALA B 230 13.46 -8.06 -1.07
C ALA B 230 13.90 -6.61 -0.91
N GLY B 231 12.96 -5.67 -0.86
CA GLY B 231 13.24 -4.32 -0.38
C GLY B 231 14.38 -3.65 -1.13
N THR B 232 15.33 -3.13 -0.36
CA THR B 232 16.46 -2.41 -0.93
C THR B 232 17.40 -3.33 -1.72
N GLY B 233 17.28 -4.64 -1.54
CA GLY B 233 18.16 -5.58 -2.22
C GLY B 233 19.45 -5.88 -1.50
N GLY B 234 19.56 -5.54 -0.22
CA GLY B 234 20.80 -5.75 0.50
C GLY B 234 21.19 -7.21 0.57
N THR B 235 20.26 -8.08 0.94
CA THR B 235 20.56 -9.51 0.92
C THR B 235 20.72 -10.02 -0.50
N THR B 236 19.93 -9.47 -1.43
CA THR B 236 19.99 -9.91 -2.84
C THR B 236 21.40 -9.73 -3.41
N SER B 237 22.06 -8.62 -3.10
CA SER B 237 23.36 -8.34 -3.69
C SER B 237 24.42 -9.35 -3.27
N TYR B 238 24.19 -10.09 -2.19
CA TYR B 238 25.15 -11.13 -1.82
C TYR B 238 24.94 -12.42 -2.62
N ILE B 239 23.72 -12.67 -3.09
CA ILE B 239 23.41 -13.92 -3.76
C ILE B 239 23.71 -13.84 -5.26
N LEU B 240 23.39 -12.71 -5.88
CA LEU B 240 23.43 -12.62 -7.33
C LEU B 240 24.80 -12.89 -7.96
N PRO B 241 25.92 -12.39 -7.42
CA PRO B 241 27.22 -12.61 -8.10
C PRO B 241 27.60 -14.08 -8.25
N HIS B 242 27.01 -14.99 -7.47
CA HIS B 242 27.41 -16.38 -7.47
C HIS B 242 26.49 -17.29 -8.28
N LEU B 243 25.36 -16.78 -8.77
CA LEU B 243 24.42 -17.61 -9.50
C LEU B 243 24.81 -17.73 -10.96
N ASN B 244 24.57 -18.91 -11.54
CA ASN B 244 24.83 -19.16 -12.96
C ASN B 244 23.67 -18.62 -13.78
N PRO B 245 23.89 -17.56 -14.57
CA PRO B 245 22.77 -16.95 -15.31
C PRO B 245 22.07 -17.92 -16.25
N ASN B 246 22.80 -18.86 -16.84
CA ASN B 246 22.20 -19.81 -17.77
C ASN B 246 21.34 -20.86 -17.06
N GLN B 247 21.42 -20.99 -15.74
CA GLN B 247 20.72 -22.05 -15.04
C GLN B 247 19.80 -21.57 -13.93
N THR B 248 19.70 -20.27 -13.69
CA THR B 248 18.90 -19.77 -12.58
C THR B 248 17.83 -18.82 -13.07
N GLU B 249 16.68 -18.88 -12.40
CA GLU B 249 15.63 -17.88 -12.50
C GLU B 249 15.44 -17.30 -11.11
N TYR B 250 15.61 -15.99 -10.98
CA TYR B 250 15.54 -15.32 -9.69
C TYR B 250 14.46 -14.26 -9.75
N ILE B 251 13.38 -14.45 -9.01
CA ILE B 251 12.26 -13.52 -8.99
C ILE B 251 12.44 -12.60 -7.79
N PHE B 252 12.77 -11.34 -8.07
CA PHE B 252 12.87 -10.29 -7.07
C PHE B 252 11.47 -9.74 -6.82
N THR B 253 10.95 -9.94 -5.61
CA THR B 253 9.63 -9.42 -5.28
C THR B 253 9.68 -8.56 -4.03
N ASP B 254 8.77 -7.60 -3.99
CA ASP B 254 8.47 -6.81 -2.80
C ASP B 254 7.00 -6.42 -2.86
N ILE B 255 6.45 -6.06 -1.71
CA ILE B 255 5.09 -5.53 -1.71
C ILE B 255 5.02 -4.16 -2.38
N GLY B 256 6.12 -3.41 -2.39
CA GLY B 256 6.14 -2.06 -2.92
C GLY B 256 6.89 -2.00 -4.23
N ALA B 257 6.23 -1.43 -5.24
CA ALA B 257 6.85 -1.27 -6.55
C ALA B 257 8.04 -0.32 -6.52
N LEU B 258 8.06 0.62 -5.56
CA LEU B 258 9.19 1.53 -5.43
C LEU B 258 10.50 0.77 -5.19
N PHE B 259 10.44 -0.35 -4.48
CA PHE B 259 11.65 -1.12 -4.23
C PHE B 259 12.05 -1.95 -5.43
N THR B 260 11.08 -2.61 -6.09
CA THR B 260 11.42 -3.36 -7.30
C THR B 260 11.95 -2.45 -8.38
N SER B 261 11.50 -1.19 -8.44
CA SER B 261 12.01 -0.28 -9.46
C SER B 261 13.43 0.15 -9.15
N LYS B 262 13.72 0.46 -7.88
CA LYS B 262 15.09 0.82 -7.51
C LYS B 262 16.02 -0.37 -7.70
N ALA B 263 15.55 -1.58 -7.39
CA ALA B 263 16.38 -2.76 -7.56
C ALA B 263 16.59 -3.10 -9.03
N GLN B 264 15.61 -2.82 -9.88
CA GLN B 264 15.75 -3.13 -11.29
C GLN B 264 16.87 -2.30 -11.94
N GLU B 265 17.01 -1.03 -11.52
CA GLU B 265 18.09 -0.23 -12.06
C GLU B 265 19.43 -0.54 -11.41
N LYS B 266 19.41 -0.99 -10.15
CA LYS B 266 20.64 -1.37 -9.46
C LYS B 266 21.18 -2.70 -9.97
N PHE B 267 20.31 -3.66 -10.23
CA PHE B 267 20.71 -5.00 -10.67
C PHE B 267 20.61 -5.17 -12.18
N GLN B 268 20.83 -4.10 -12.94
CA GLN B 268 20.71 -4.16 -14.39
C GLN B 268 21.75 -5.07 -15.03
N ASP B 269 22.86 -5.34 -14.34
CA ASP B 269 23.90 -6.22 -14.87
C ASP B 269 23.53 -7.70 -14.82
N TYR B 270 22.44 -8.06 -14.14
CA TYR B 270 22.00 -9.45 -14.03
C TYR B 270 20.73 -9.62 -14.85
N ARG B 271 20.84 -10.33 -15.97
CA ARG B 271 19.73 -10.49 -16.90
C ARG B 271 18.83 -11.68 -16.57
N PHE B 272 19.10 -12.40 -15.49
CA PHE B 272 18.27 -13.52 -15.08
C PHE B 272 17.26 -13.15 -14.01
N LEU B 273 17.16 -11.88 -13.63
CA LEU B 273 16.22 -11.46 -12.61
C LEU B 273 14.88 -11.10 -13.24
N GLY B 274 13.80 -11.59 -12.63
CA GLY B 274 12.47 -11.10 -12.89
C GLY B 274 12.03 -10.23 -11.73
N TYR B 275 11.13 -9.30 -12.00
CA TYR B 275 10.63 -8.37 -10.99
C TYR B 275 9.11 -8.48 -10.95
N GLN B 276 8.58 -8.55 -9.73
CA GLN B 276 7.14 -8.63 -9.55
C GLN B 276 6.81 -8.19 -8.13
N THR B 277 5.58 -7.74 -7.92
CA THR B 277 5.13 -7.37 -6.59
C THR B 277 4.34 -8.52 -5.97
N LEU B 278 4.60 -8.76 -4.69
CA LEU B 278 3.98 -9.86 -3.97
C LEU B 278 3.70 -9.41 -2.55
N ASP B 279 2.44 -9.47 -2.15
CA ASP B 279 2.03 -9.28 -0.77
C ASP B 279 1.86 -10.68 -0.16
N ILE B 280 2.81 -11.07 0.69
CA ILE B 280 2.86 -12.42 1.26
C ILE B 280 1.74 -12.69 2.26
N GLU B 281 1.01 -11.68 2.69
CA GLU B 281 -0.13 -11.92 3.57
C GLU B 281 -1.36 -12.41 2.81
N VAL B 282 -1.34 -12.38 1.48
CA VAL B 282 -2.45 -12.83 0.67
C VAL B 282 -1.97 -13.97 -0.22
N ASP B 283 -2.89 -14.90 -0.52
CA ASP B 283 -2.66 -16.03 -1.41
C ASP B 283 -1.81 -15.63 -2.61
N PRO B 284 -0.58 -16.12 -2.70
CA PRO B 284 0.30 -15.72 -3.81
C PRO B 284 -0.20 -16.14 -5.17
N SER B 285 -1.02 -17.19 -5.25
CA SER B 285 -1.56 -17.63 -6.54
C SER B 285 -2.64 -16.70 -7.07
N SER B 286 -3.09 -15.74 -6.27
CA SER B 286 -3.96 -14.68 -6.77
C SER B 286 -3.17 -13.46 -7.24
N GLN B 287 -1.83 -13.51 -7.15
CA GLN B 287 -0.98 -12.41 -7.53
C GLN B 287 -0.03 -12.77 -8.67
N GLY B 288 -0.33 -13.86 -9.39
CA GLY B 288 0.46 -14.22 -10.55
C GLY B 288 1.60 -15.18 -10.29
N PHE B 289 1.61 -15.85 -9.14
CA PHE B 289 2.67 -16.78 -8.78
C PHE B 289 2.11 -18.19 -8.78
N GLU B 290 2.82 -19.11 -9.43
CA GLU B 290 2.40 -20.49 -9.44
C GLU B 290 2.76 -21.15 -8.11
N SER B 291 1.91 -22.07 -7.66
CA SER B 291 2.18 -22.80 -6.43
C SER B 291 3.27 -23.84 -6.66
N HIS B 292 4.13 -24.01 -5.65
CA HIS B 292 5.11 -25.09 -5.60
C HIS B 292 6.06 -25.05 -6.79
N ARG B 293 6.45 -23.84 -7.20
CA ARG B 293 7.30 -23.66 -8.36
C ARG B 293 8.76 -23.41 -8.01
N TYR B 294 9.05 -22.87 -6.83
CA TYR B 294 10.38 -22.36 -6.53
C TYR B 294 11.15 -23.31 -5.62
N ASP B 295 12.40 -23.59 -5.97
CA ASP B 295 13.25 -24.46 -5.18
C ASP B 295 13.82 -23.75 -3.96
N VAL B 296 13.95 -22.42 -4.00
CA VAL B 296 14.49 -21.65 -2.88
C VAL B 296 13.67 -20.38 -2.72
N ILE B 297 13.19 -20.13 -1.51
CA ILE B 297 12.56 -18.86 -1.16
C ILE B 297 13.45 -18.15 -0.15
N ILE B 298 13.78 -16.89 -0.44
CA ILE B 298 14.56 -16.05 0.45
C ILE B 298 13.63 -15.02 1.07
N ALA B 299 13.66 -14.93 2.41
CA ALA B 299 12.82 -13.97 3.14
C ALA B 299 13.69 -13.34 4.22
N ALA B 300 14.28 -12.19 3.90
CA ALA B 300 15.22 -11.51 4.78
C ALA B 300 14.53 -10.32 5.44
N ASN B 301 14.25 -10.45 6.73
CA ASN B 301 13.72 -9.36 7.55
C ASN B 301 12.41 -8.81 6.98
N VAL B 302 11.48 -9.70 6.70
CA VAL B 302 10.20 -9.27 6.14
C VAL B 302 9.03 -9.98 6.82
N LEU B 303 9.15 -11.29 7.05
CA LEU B 303 8.00 -12.09 7.48
C LEU B 303 7.45 -11.64 8.83
N HIS B 304 8.30 -11.11 9.70
CA HIS B 304 7.83 -10.57 10.97
C HIS B 304 6.81 -9.45 10.76
N ALA B 305 6.92 -8.72 9.65
CA ALA B 305 6.10 -7.54 9.40
C ALA B 305 4.73 -7.90 8.85
N THR B 306 4.18 -9.05 9.22
CA THR B 306 2.87 -9.47 8.76
C THR B 306 1.97 -9.72 9.95
N THR B 307 0.67 -9.85 9.68
CA THR B 307 -0.30 -9.94 10.76
C THR B 307 -0.29 -11.30 11.44
N SER B 308 -0.18 -12.38 10.67
CA SER B 308 -0.20 -13.74 11.21
C SER B 308 0.93 -14.55 10.62
N LEU B 309 1.87 -14.98 11.46
CA LEU B 309 3.01 -15.74 10.98
C LEU B 309 2.60 -17.09 10.40
N LYS B 310 1.58 -17.73 10.99
CA LYS B 310 1.15 -19.02 10.45
C LYS B 310 0.50 -18.87 9.08
N GLN B 311 -0.33 -17.84 8.91
CA GLN B 311 -0.86 -17.56 7.58
C GLN B 311 0.26 -17.19 6.60
N THR B 312 1.16 -16.30 7.03
CA THR B 312 2.28 -15.92 6.18
C THR B 312 3.13 -17.12 5.79
N LEU B 313 3.44 -17.99 6.76
CA LEU B 313 4.30 -19.14 6.47
C LEU B 313 3.60 -20.17 5.59
N SER B 314 2.28 -20.29 5.70
CA SER B 314 1.55 -21.19 4.81
C SER B 314 1.56 -20.67 3.37
N HIS B 315 1.67 -19.34 3.18
CA HIS B 315 1.81 -18.81 1.83
C HIS B 315 3.22 -19.04 1.30
N VAL B 316 4.23 -18.91 2.16
CA VAL B 316 5.59 -19.26 1.78
C VAL B 316 5.67 -20.73 1.39
N ARG B 317 5.05 -21.61 2.19
CA ARG B 317 5.07 -23.03 1.90
C ARG B 317 4.38 -23.36 0.59
N GLN B 318 3.32 -22.61 0.26
CA GLN B 318 2.61 -22.83 -1.00
C GLN B 318 3.48 -22.50 -2.20
N LEU B 319 4.43 -21.59 -2.06
CA LEU B 319 5.33 -21.24 -3.16
C LEU B 319 6.46 -22.24 -3.33
N LEU B 320 6.77 -23.02 -2.31
CA LEU B 320 7.95 -23.89 -2.33
C LEU B 320 7.64 -25.19 -3.06
N ALA B 321 8.55 -25.59 -3.94
CA ALA B 321 8.48 -26.91 -4.54
C ALA B 321 8.75 -27.99 -3.48
N PRO B 322 8.34 -29.23 -3.74
CA PRO B 322 8.64 -30.32 -2.81
C PRO B 322 10.15 -30.47 -2.63
N GLY B 323 10.56 -30.61 -1.37
CA GLY B 323 11.98 -30.58 -1.06
C GLY B 323 12.63 -29.23 -1.23
N GLY B 324 11.85 -28.18 -1.45
CA GLY B 324 12.41 -26.85 -1.56
C GLY B 324 12.98 -26.37 -0.25
N ILE B 325 13.65 -25.22 -0.31
CA ILE B 325 14.38 -24.67 0.82
C ILE B 325 13.90 -23.25 1.08
N LEU B 326 13.59 -22.94 2.32
CA LEU B 326 13.32 -21.58 2.76
C LEU B 326 14.53 -21.07 3.53
N VAL B 327 15.07 -19.94 3.11
CA VAL B 327 16.17 -19.29 3.80
C VAL B 327 15.60 -18.03 4.44
N LEU B 328 15.56 -18.04 5.77
CA LEU B 328 14.91 -17.01 6.54
C LEU B 328 15.95 -16.26 7.35
N TYR B 329 15.98 -14.94 7.22
CA TYR B 329 16.91 -14.09 7.96
C TYR B 329 16.08 -13.11 8.77
N GLU B 330 16.22 -13.18 10.10
CA GLU B 330 15.38 -12.43 11.02
C GLU B 330 16.18 -12.03 12.24
N ALA B 331 15.86 -10.85 12.76
CA ALA B 331 16.31 -10.48 14.10
C ALA B 331 15.48 -11.21 15.14
N THR B 332 16.08 -11.47 16.30
CA THR B 332 15.47 -12.31 17.31
C THR B 332 15.23 -11.65 18.66
N THR B 333 15.65 -10.40 18.86
CA THR B 333 15.56 -9.76 20.17
C THR B 333 15.04 -8.33 20.00
N ARG B 334 14.47 -7.81 21.08
CA ARG B 334 14.05 -6.42 21.10
C ARG B 334 15.26 -5.50 20.99
N SER B 335 15.16 -4.48 20.16
CA SER B 335 16.21 -3.49 19.98
C SER B 335 15.58 -2.11 20.00
N ARG B 336 16.02 -1.28 20.93
CA ARG B 336 15.40 0.03 21.08
C ARG B 336 15.70 0.91 19.86
N TRP B 337 16.90 0.84 19.31
CA TRP B 337 17.21 1.71 18.18
C TRP B 337 16.49 1.24 16.92
N VAL B 338 16.29 -0.07 16.76
CA VAL B 338 15.49 -0.55 15.64
C VAL B 338 14.06 -0.07 15.77
N ASP B 339 13.53 -0.05 17.00
CA ASP B 339 12.17 0.44 17.21
C ASP B 339 12.01 1.90 16.81
N LEU B 340 13.09 2.68 16.87
CA LEU B 340 13.04 4.08 16.50
C LEU B 340 13.22 4.32 15.00
N ILE B 341 13.40 3.25 14.23
CA ILE B 341 13.49 3.35 12.77
C ILE B 341 12.36 2.53 12.17
N PHE B 342 12.55 1.21 12.11
CA PHE B 342 11.54 0.34 11.51
C PHE B 342 10.30 0.18 12.37
N GLY B 343 10.39 0.50 13.66
CA GLY B 343 9.22 0.51 14.51
C GLY B 343 8.29 1.69 14.29
N LEU B 344 8.71 2.68 13.50
CA LEU B 344 7.83 3.77 13.15
C LEU B 344 6.83 3.39 12.06
N LEU B 345 7.10 2.30 11.35
CA LEU B 345 6.32 1.87 10.20
C LEU B 345 5.22 0.89 10.62
N GLU B 346 4.14 0.89 9.83
CA GLU B 346 2.99 0.06 10.18
C GLU B 346 3.33 -1.42 10.19
N GLY B 347 4.32 -1.85 9.40
CA GLY B 347 4.65 -3.26 9.32
C GLY B 347 5.12 -3.84 10.64
N TRP B 348 5.79 -3.02 11.46
CA TRP B 348 6.30 -3.48 12.74
C TRP B 348 5.19 -3.84 13.72
N TRP B 349 4.01 -3.25 13.59
CA TRP B 349 2.92 -3.45 14.53
C TRP B 349 1.71 -4.12 13.88
N LYS B 350 1.89 -4.75 12.72
CA LYS B 350 0.78 -5.44 12.09
C LYS B 350 0.34 -6.68 12.86
N PHE B 351 1.22 -7.27 13.66
CA PHE B 351 0.96 -8.59 14.23
C PHE B 351 -0.32 -8.60 15.06
N THR B 352 -1.13 -9.63 14.86
CA THR B 352 -2.35 -9.84 15.63
C THR B 352 -2.44 -11.26 16.19
N ASP B 353 -1.42 -12.11 15.96
CA ASP B 353 -1.39 -13.45 16.54
C ASP B 353 -0.79 -13.35 17.94
N TYR B 354 -1.59 -12.79 18.85
CA TYR B 354 -1.11 -12.42 20.17
C TYR B 354 -0.74 -13.62 21.04
N GLU B 355 -1.31 -14.80 20.77
CA GLU B 355 -0.88 -15.98 21.51
C GLU B 355 0.57 -16.33 21.17
N LEU B 356 1.01 -16.03 19.96
CA LEU B 356 2.38 -16.26 19.54
C LEU B 356 3.28 -15.06 19.78
N ARG B 357 2.76 -13.86 19.51
CA ARG B 357 3.51 -12.61 19.60
C ARG B 357 2.69 -11.61 20.41
N PRO B 358 2.81 -11.64 21.75
CA PRO B 358 1.93 -10.78 22.56
C PRO B 358 2.22 -9.29 22.43
N ASP B 359 3.50 -8.89 22.28
CA ASP B 359 3.78 -7.46 22.28
C ASP B 359 5.00 -7.07 21.46
N TYR B 360 5.46 -7.92 20.54
CA TYR B 360 6.60 -7.57 19.70
C TYR B 360 6.50 -8.42 18.44
N PRO B 361 6.93 -7.91 17.28
CA PRO B 361 6.79 -8.71 16.05
C PRO B 361 7.84 -9.80 15.88
N LEU B 362 8.97 -9.74 16.57
CA LEU B 362 10.06 -10.67 16.32
C LEU B 362 9.93 -11.92 17.18
N LEU B 363 10.37 -13.05 16.62
CA LEU B 363 10.47 -14.32 17.33
C LEU B 363 11.94 -14.67 17.54
N ASN B 364 12.22 -15.40 18.61
CA ASN B 364 13.56 -15.92 18.84
C ASN B 364 13.74 -17.24 18.11
N ARG B 365 14.96 -17.79 18.20
CA ARG B 365 15.30 -19.00 17.46
C ARG B 365 14.34 -20.15 17.77
N GLU B 366 14.03 -20.34 19.05
CA GLU B 366 13.19 -21.47 19.44
C GLU B 366 11.76 -21.29 18.96
N GLN B 367 11.25 -20.05 19.01
CA GLN B 367 9.88 -19.81 18.55
C GLN B 367 9.76 -20.02 17.05
N TRP B 368 10.77 -19.59 16.29
CA TRP B 368 10.75 -19.79 14.84
C TRP B 368 10.71 -21.27 14.48
N LYS B 369 11.56 -22.08 15.14
CA LYS B 369 11.60 -23.50 14.86
C LYS B 369 10.26 -24.17 15.15
N LYS B 370 9.59 -23.73 16.23
CA LYS B 370 8.30 -24.32 16.58
C LYS B 370 7.23 -23.95 15.56
N VAL B 371 7.18 -22.68 15.14
CA VAL B 371 6.13 -22.30 14.19
C VAL B 371 6.44 -22.85 12.80
N LEU B 372 7.72 -23.03 12.47
CA LEU B 372 8.07 -23.65 11.20
C LEU B 372 7.64 -25.11 11.16
N SER B 373 7.77 -25.83 12.27
CA SER B 373 7.38 -27.24 12.29
C SER B 373 5.88 -27.42 12.21
N GLU B 374 5.10 -26.40 12.59
CA GLU B 374 3.65 -26.46 12.54
C GLU B 374 3.09 -25.99 11.20
N THR B 375 3.90 -25.39 10.33
CA THR B 375 3.43 -24.90 9.04
C THR B 375 4.05 -25.67 7.88
N GLY B 376 4.46 -26.92 8.10
CA GLY B 376 4.90 -27.77 7.02
C GLY B 376 6.39 -27.74 6.71
N PHE B 377 7.23 -27.32 7.65
CA PHE B 377 8.67 -27.28 7.43
C PHE B 377 9.37 -28.24 8.38
N THR B 378 10.37 -28.95 7.86
CA THR B 378 11.17 -29.89 8.63
C THR B 378 12.65 -29.60 8.38
N GLN B 379 13.50 -30.36 9.08
CA GLN B 379 14.95 -30.23 8.95
C GLN B 379 15.39 -28.77 9.11
N VAL B 380 15.00 -28.17 10.23
CA VAL B 380 15.21 -26.75 10.44
C VAL B 380 16.55 -26.52 11.11
N VAL B 381 17.33 -25.60 10.56
CA VAL B 381 18.65 -25.25 11.07
C VAL B 381 18.67 -23.74 11.34
N THR B 382 19.20 -23.35 12.49
CA THR B 382 19.41 -21.94 12.81
C THR B 382 20.89 -21.65 12.76
N LEU B 383 21.25 -20.54 12.11
CA LEU B 383 22.65 -20.17 11.92
C LEU B 383 22.87 -18.71 12.29
N PRO B 384 24.09 -18.38 12.77
CA PRO B 384 25.16 -19.31 13.07
C PRO B 384 25.02 -19.91 14.47
N GLU B 385 25.73 -21.01 14.75
CA GLU B 385 25.73 -21.67 16.05
C GLU B 385 27.18 -22.04 16.40
N VAL B 386 27.96 -21.02 16.78
CA VAL B 386 29.34 -21.20 17.15
C VAL B 386 29.46 -21.00 18.66
N GLU B 387 30.38 -21.73 19.29
CA GLU B 387 30.43 -21.77 20.74
C GLU B 387 30.91 -20.45 21.33
N GLY B 388 31.91 -19.82 20.71
CA GLY B 388 32.49 -18.61 21.26
C GLY B 388 32.17 -17.34 20.49
N ALA B 390 30.20 -13.85 19.11
CA ALA B 390 29.80 -12.63 19.80
C ALA B 390 28.32 -12.67 20.17
N GLU B 391 27.95 -11.85 21.16
CA GLU B 391 26.56 -11.76 21.56
C GLU B 391 25.69 -11.16 20.46
N ALA B 392 26.25 -10.23 19.67
CA ALA B 392 25.49 -9.62 18.58
C ALA B 392 25.05 -10.65 17.55
N LEU B 393 25.73 -11.79 17.47
CA LEU B 393 25.34 -12.86 16.55
C LEU B 393 24.20 -13.70 17.11
N SER B 394 23.97 -13.66 18.41
CA SER B 394 22.78 -14.28 18.99
C SER B 394 21.52 -13.42 18.83
N GLN B 395 21.67 -12.17 18.41
CA GLN B 395 20.54 -11.27 18.22
C GLN B 395 19.95 -11.34 16.82
N GLN B 396 20.60 -12.03 15.89
CA GLN B 396 20.05 -12.25 14.57
C GLN B 396 20.29 -13.71 14.21
N THR B 397 19.52 -14.21 13.24
CA THR B 397 19.66 -15.60 12.87
C THR B 397 19.31 -15.79 11.40
N VAL B 398 20.01 -16.71 10.77
CA VAL B 398 19.64 -17.24 9.46
C VAL B 398 19.07 -18.62 9.69
N ILE B 399 17.84 -18.83 9.26
CA ILE B 399 17.15 -20.10 9.45
C ILE B 399 16.96 -20.73 8.08
N VAL B 400 17.25 -22.02 7.99
CA VAL B 400 17.08 -22.79 6.77
C VAL B 400 16.17 -23.96 7.10
N ALA B 401 15.16 -24.17 6.27
CA ALA B 401 14.15 -25.17 6.53
C ALA B 401 13.68 -25.76 5.22
N GLN B 402 13.27 -27.02 5.27
CA GLN B 402 12.87 -27.75 4.08
C GLN B 402 11.35 -27.90 4.06
N ALA B 403 10.77 -27.76 2.88
CA ALA B 403 9.34 -27.99 2.71
C ALA B 403 9.07 -29.48 2.93
N ALA B 404 8.24 -29.78 3.92
CA ALA B 404 7.97 -31.16 4.30
C ALA B 404 7.10 -31.83 3.24
N SER B 405 7.59 -32.92 2.66
CA SER B 405 6.84 -33.66 1.65
C SER B 405 7.05 -35.16 1.80
#